data_5VAX
#
_entry.id   5VAX
#
_cell.length_a   66.474
_cell.length_b   87.174
_cell.length_c   126.631
_cell.angle_alpha   90.00
_cell.angle_beta   90.00
_cell.angle_gamma   90.00
#
_symmetry.space_group_name_H-M   'P 21 21 21'
#
loop_
_entity.id
_entity.type
_entity.pdbx_description
1 polymer 'Apoptosis regulator Bcl-2 -- Bcl-2-like protein 1 Chimera'
2 polymer Beclin-1
3 water water
#
loop_
_entity_poly.entity_id
_entity_poly.type
_entity_poly.pdbx_seq_one_letter_code
_entity_poly.pdbx_strand_id
1 'polypeptide(L)'
;GSMAHAGRTGYDNREIVMKYIHYKLSQRGYEWDDGDDVEENRTEAPEGTESEVVHLTLRQAGDDFSRRYRRDFAEMSSQL
HLTPFTARGRFATVVEELFRDGVNWGRIVAFFEFGGVMCVESVNREMSPLVDNIALWMTEYLNRHLHTWIQDNGGWDAFV
ELYGPSMR
;
A,B,C,D
2 'polypeptide(L)' DGG(TPO)MENLSRRLKVTGDLFDIMSGQT E,F,G,H
#
# COMPACT_ATOMS: atom_id res chain seq x y z
N TYR A 11 -1.32 -12.94 30.19
CA TYR A 11 -1.94 -12.32 29.03
C TYR A 11 -1.55 -10.83 28.91
N ASP A 12 -0.90 -10.50 27.78
CA ASP A 12 -0.40 -9.16 27.52
C ASP A 12 -1.21 -8.51 26.42
N ASN A 13 -1.72 -7.31 26.69
CA ASN A 13 -2.66 -6.68 25.77
C ASN A 13 -2.00 -6.28 24.45
N ARG A 14 -0.73 -5.85 24.48
CA ARG A 14 -0.05 -5.50 23.25
C ARG A 14 0.14 -6.72 22.34
N GLU A 15 0.49 -7.87 22.91
CA GLU A 15 0.56 -9.09 22.12
C GLU A 15 -0.80 -9.42 21.50
N ILE A 16 -1.87 -9.32 22.30
CA ILE A 16 -3.21 -9.62 21.82
C ILE A 16 -3.54 -8.75 20.61
N VAL A 17 -3.25 -7.45 20.69
CA VAL A 17 -3.53 -6.55 19.58
C VAL A 17 -2.68 -6.90 18.35
N MET A 18 -1.37 -7.11 18.55
CA MET A 18 -0.51 -7.34 17.40
C MET A 18 -0.89 -8.64 16.68
N LYS A 19 -1.18 -9.68 17.44
CA LYS A 19 -1.53 -10.95 16.80
C LYS A 19 -2.87 -10.86 16.07
N TYR A 20 -3.84 -10.11 16.64
CA TYR A 20 -5.12 -9.94 15.99
C TYR A 20 -4.96 -9.17 14.68
N ILE A 21 -4.24 -8.03 14.73
CA ILE A 21 -4.03 -7.23 13.52
C ILE A 21 -3.27 -8.03 12.48
N HIS A 22 -2.25 -8.78 12.89
CA HIS A 22 -1.53 -9.64 11.95
C HIS A 22 -2.49 -10.59 11.23
N TYR A 23 -3.36 -11.28 11.99
CA TYR A 23 -4.32 -12.17 11.39
C TYR A 23 -5.25 -11.43 10.42
N LYS A 24 -5.83 -10.30 10.86
CA LYS A 24 -6.75 -9.58 9.98
C LYS A 24 -6.10 -9.22 8.67
N LEU A 25 -4.83 -8.86 8.70
CA LEU A 25 -4.12 -8.48 7.48
C LEU A 25 -3.77 -9.70 6.62
N SER A 26 -3.27 -10.78 7.24
CA SER A 26 -2.97 -11.99 6.45
C SER A 26 -4.23 -12.54 5.79
N GLN A 27 -5.38 -12.42 6.46
CA GLN A 27 -6.67 -12.76 5.89
C GLN A 27 -6.96 -12.05 4.58
N ARG A 28 -6.40 -10.87 4.38
CA ARG A 28 -6.60 -10.08 3.17
C ARG A 28 -5.43 -10.21 2.20
N GLY A 29 -4.48 -11.09 2.48
CA GLY A 29 -3.30 -11.21 1.66
C GLY A 29 -2.22 -10.18 1.92
N TYR A 30 -2.13 -9.66 3.14
CA TYR A 30 -1.11 -8.69 3.51
C TYR A 30 -0.30 -9.25 4.68
N GLU A 31 1.04 -9.26 4.52
CA GLU A 31 1.96 -9.70 5.54
C GLU A 31 2.51 -8.50 6.31
N TRP A 32 2.37 -8.51 7.63
CA TRP A 32 2.70 -7.35 8.45
C TRP A 32 3.54 -7.78 9.65
N ASP A 33 4.72 -7.18 9.78
CA ASP A 33 5.66 -7.48 10.88
C ASP A 33 5.01 -7.34 12.26
N THR A 49 1.32 -21.91 26.04
CA THR A 49 0.30 -22.07 25.01
C THR A 49 -1.10 -21.70 25.51
N GLU A 50 -1.26 -21.48 26.82
CA GLU A 50 -2.54 -20.99 27.32
C GLU A 50 -2.88 -19.63 26.71
N SER A 51 -1.87 -18.80 26.40
CA SER A 51 -2.12 -17.52 25.75
C SER A 51 -2.49 -17.71 24.28
N GLU A 52 -1.91 -18.72 23.62
CA GLU A 52 -2.36 -19.09 22.29
C GLU A 52 -3.88 -19.35 22.24
N VAL A 53 -4.47 -19.88 23.32
CA VAL A 53 -5.90 -20.18 23.28
C VAL A 53 -6.73 -18.91 23.12
N VAL A 54 -6.32 -17.83 23.78
CA VAL A 54 -7.07 -16.58 23.69
C VAL A 54 -6.96 -15.97 22.31
N HIS A 55 -5.75 -15.99 21.72
CA HIS A 55 -5.57 -15.46 20.36
C HIS A 55 -6.47 -16.19 19.37
N LEU A 56 -6.46 -17.52 19.42
CA LEU A 56 -7.23 -18.31 18.46
C LEU A 56 -8.73 -18.13 18.68
N THR A 57 -9.14 -18.01 19.94
CA THR A 57 -10.55 -17.77 20.22
C THR A 57 -10.99 -16.40 19.71
N LEU A 58 -10.19 -15.37 19.99
CA LEU A 58 -10.53 -14.03 19.52
C LEU A 58 -10.60 -13.98 18.00
N ARG A 59 -9.69 -14.71 17.33
CA ARG A 59 -9.73 -14.85 15.88
C ARG A 59 -11.10 -15.27 15.39
N GLN A 60 -11.61 -16.39 15.93
CA GLN A 60 -12.90 -16.90 15.49
C GLN A 60 -14.04 -15.95 15.89
N ALA A 61 -13.97 -15.37 17.08
CA ALA A 61 -15.04 -14.48 17.49
C ALA A 61 -15.10 -13.26 16.57
N GLY A 62 -13.93 -12.73 16.19
CA GLY A 62 -13.93 -11.58 15.27
C GLY A 62 -14.45 -11.93 13.88
N ASP A 63 -14.05 -13.10 13.35
CA ASP A 63 -14.61 -13.56 12.08
C ASP A 63 -16.13 -13.75 12.20
N ASP A 64 -16.59 -14.30 13.32
CA ASP A 64 -18.05 -14.45 13.46
C ASP A 64 -18.73 -13.10 13.58
N PHE A 65 -18.17 -12.17 14.36
CA PHE A 65 -18.72 -10.82 14.42
C PHE A 65 -18.84 -10.21 13.02
N SER A 66 -17.76 -10.29 12.23
CA SER A 66 -17.72 -9.66 10.91
C SER A 66 -18.73 -10.27 9.96
N ARG A 67 -18.92 -11.59 10.04
CA ARG A 67 -19.98 -12.24 9.28
C ARG A 67 -21.35 -11.67 9.64
N ARG A 68 -21.68 -11.61 10.94
CA ARG A 68 -22.98 -11.07 11.36
C ARG A 68 -23.13 -9.61 10.93
N TYR A 69 -22.10 -8.79 11.19
CA TYR A 69 -22.13 -7.38 10.81
C TYR A 69 -22.51 -7.21 9.35
N ARG A 70 -21.73 -7.83 8.45
CA ARG A 70 -21.95 -7.66 7.02
C ARG A 70 -23.26 -8.26 6.52
N ARG A 71 -23.85 -9.21 7.25
CA ARG A 71 -25.17 -9.68 6.87
C ARG A 71 -26.18 -8.54 6.92
N ASP A 72 -26.03 -7.64 7.89
CA ASP A 72 -26.96 -6.54 8.07
C ASP A 72 -26.51 -5.24 7.43
N PHE A 73 -25.21 -5.10 7.14
CA PHE A 73 -24.63 -3.81 6.75
C PHE A 73 -23.62 -4.03 5.63
N ALA A 74 -23.21 -2.94 4.97
CA ALA A 74 -22.17 -3.08 3.96
C ALA A 74 -20.84 -3.50 4.62
N GLU A 75 -19.84 -3.80 3.79
CA GLU A 75 -18.48 -3.94 4.32
C GLU A 75 -18.14 -2.67 5.10
N MET A 76 -17.81 -2.86 6.38
CA MET A 76 -17.50 -1.71 7.24
C MET A 76 -16.48 -0.78 6.58
N SER A 77 -15.49 -1.34 5.87
CA SER A 77 -14.41 -0.55 5.26
C SER A 77 -14.92 0.63 4.45
N SER A 78 -16.02 0.45 3.73
CA SER A 78 -16.49 1.48 2.81
C SER A 78 -17.16 2.65 3.52
N GLN A 79 -17.44 2.55 4.80
CA GLN A 79 -18.13 3.61 5.52
C GLN A 79 -17.20 4.35 6.47
N LEU A 80 -15.90 4.39 6.15
CA LEU A 80 -14.88 4.92 7.04
C LEU A 80 -14.50 6.37 6.76
N HIS A 81 -14.21 6.72 5.51
CA HIS A 81 -13.67 8.04 5.15
C HIS A 81 -12.34 8.27 5.88
N LEU A 82 -11.47 7.28 5.80
CA LEU A 82 -10.19 7.29 6.51
C LEU A 82 -9.16 8.13 5.76
N THR A 83 -8.50 9.03 6.49
CA THR A 83 -7.36 9.81 6.02
C THR A 83 -6.33 9.83 7.13
N PRO A 84 -5.04 10.02 6.81
CA PRO A 84 -4.04 10.06 7.89
C PRO A 84 -4.32 11.15 8.91
N PHE A 85 -4.84 12.29 8.47
CA PHE A 85 -5.09 13.39 9.40
C PHE A 85 -6.20 13.08 10.39
N THR A 86 -7.29 12.44 9.94
CA THR A 86 -8.46 12.20 10.79
C THR A 86 -8.45 10.85 11.49
N ALA A 87 -7.50 9.96 11.17
CA ALA A 87 -7.54 8.58 11.63
C ALA A 87 -7.68 8.47 13.15
N ARG A 88 -6.88 9.23 13.91
CA ARG A 88 -6.96 9.12 15.36
C ARG A 88 -8.28 9.63 15.89
N GLY A 89 -8.78 10.74 15.34
CA GLY A 89 -10.06 11.25 15.81
C GLY A 89 -11.21 10.33 15.47
N ARG A 90 -11.18 9.71 14.30
CA ARG A 90 -12.20 8.73 13.97
C ARG A 90 -12.09 7.49 14.86
N PHE A 91 -10.86 7.06 15.17
CA PHE A 91 -10.71 5.94 16.11
C PHE A 91 -11.30 6.29 17.46
N ALA A 92 -10.93 7.45 18.00
CA ALA A 92 -11.32 7.80 19.37
C ALA A 92 -12.82 8.06 19.47
N THR A 93 -13.41 8.66 18.44
CA THR A 93 -14.84 8.97 18.47
C THR A 93 -15.68 7.71 18.43
N VAL A 94 -15.34 6.78 17.52
CA VAL A 94 -16.12 5.55 17.41
C VAL A 94 -15.98 4.75 18.69
N VAL A 95 -14.76 4.60 19.19
CA VAL A 95 -14.53 3.74 20.34
C VAL A 95 -15.17 4.36 21.58
N GLU A 96 -15.04 5.68 21.74
CA GLU A 96 -15.66 6.33 22.89
C GLU A 96 -17.16 6.06 22.92
N GLU A 97 -17.81 6.16 21.76
CA GLU A 97 -19.26 5.98 21.73
C GLU A 97 -19.63 4.51 21.91
N LEU A 98 -18.81 3.60 21.38
CA LEU A 98 -19.02 2.18 21.59
C LEU A 98 -19.11 1.82 23.07
N PHE A 99 -18.24 2.39 23.89
CA PHE A 99 -18.18 2.00 25.30
C PHE A 99 -18.79 3.03 26.23
N ARG A 100 -19.48 4.04 25.68
CA ARG A 100 -19.98 5.14 26.50
C ARG A 100 -20.95 4.66 27.57
N ASP A 101 -21.92 3.82 27.19
CA ASP A 101 -22.93 3.36 28.13
C ASP A 101 -22.63 1.98 28.72
N GLY A 102 -21.42 1.47 28.54
CA GLY A 102 -21.09 0.20 29.16
C GLY A 102 -20.20 -0.73 28.35
N VAL A 103 -19.67 -1.76 29.00
CA VAL A 103 -18.75 -2.73 28.41
C VAL A 103 -19.38 -4.11 28.47
N ASN A 104 -19.20 -4.90 27.41
CA ASN A 104 -19.43 -6.33 27.47
C ASN A 104 -18.52 -6.98 26.44
N TRP A 105 -18.48 -8.33 26.44
CA TRP A 105 -17.50 -9.03 25.61
C TRP A 105 -17.81 -8.82 24.13
N GLY A 106 -19.09 -8.73 23.79
CA GLY A 106 -19.47 -8.43 22.40
C GLY A 106 -18.94 -7.08 21.93
N ARG A 107 -19.03 -6.05 22.77
CA ARG A 107 -18.52 -4.75 22.39
C ARG A 107 -17.01 -4.77 22.31
N ILE A 108 -16.36 -5.56 23.16
CA ILE A 108 -14.91 -5.70 23.06
C ILE A 108 -14.55 -6.36 21.74
N VAL A 109 -15.29 -7.42 21.36
CA VAL A 109 -15.06 -8.02 20.06
C VAL A 109 -15.28 -6.99 18.95
N ALA A 110 -16.36 -6.20 19.07
CA ALA A 110 -16.61 -5.13 18.11
C ALA A 110 -15.44 -4.15 18.05
N PHE A 111 -14.79 -3.90 19.20
CA PHE A 111 -13.64 -2.99 19.23
C PHE A 111 -12.46 -3.57 18.46
N PHE A 112 -12.20 -4.87 18.61
CA PHE A 112 -11.10 -5.47 17.86
C PHE A 112 -11.40 -5.49 16.36
N GLU A 113 -12.64 -5.78 15.96
CA GLU A 113 -12.95 -5.81 14.53
C GLU A 113 -12.84 -4.41 13.93
N PHE A 114 -13.30 -3.40 14.66
CA PHE A 114 -13.24 -2.03 14.17
C PHE A 114 -11.79 -1.61 13.94
N GLY A 115 -10.92 -1.91 14.90
CA GLY A 115 -9.50 -1.61 14.74
C GLY A 115 -8.85 -2.38 13.61
N GLY A 116 -9.27 -3.64 13.41
CA GLY A 116 -8.79 -4.42 12.28
C GLY A 116 -9.25 -3.85 10.95
N VAL A 117 -10.49 -3.35 10.90
CA VAL A 117 -10.98 -2.74 9.67
C VAL A 117 -10.19 -1.47 9.33
N MET A 118 -9.86 -0.66 10.35
N MET A 118 -9.88 -0.66 10.35
CA MET A 118 -9.08 0.54 10.11
CA MET A 118 -9.08 0.54 10.11
C MET A 118 -7.69 0.19 9.58
C MET A 118 -7.70 0.17 9.57
N CYS A 119 -7.09 -0.88 10.11
CA CYS A 119 -5.80 -1.35 9.62
C CYS A 119 -5.92 -1.85 8.19
N VAL A 120 -6.92 -2.69 7.92
CA VAL A 120 -7.14 -3.19 6.57
C VAL A 120 -7.39 -2.04 5.60
N GLU A 121 -8.25 -1.09 5.99
CA GLU A 121 -8.52 0.05 5.12
C GLU A 121 -7.26 0.87 4.89
N SER A 122 -6.42 1.02 5.93
CA SER A 122 -5.16 1.75 5.80
C SER A 122 -4.30 1.14 4.71
N VAL A 123 -4.10 -0.19 4.77
CA VAL A 123 -3.34 -0.88 3.73
C VAL A 123 -3.99 -0.70 2.37
N ASN A 124 -5.33 -0.85 2.30
CA ASN A 124 -6.03 -0.70 1.03
C ASN A 124 -5.82 0.69 0.44
N ARG A 125 -6.03 1.75 1.24
CA ARG A 125 -5.97 3.12 0.77
C ARG A 125 -4.54 3.66 0.65
N GLU A 126 -3.53 2.78 0.78
CA GLU A 126 -2.12 3.11 0.54
C GLU A 126 -1.52 3.98 1.64
N MET A 127 -1.87 3.68 2.90
CA MET A 127 -1.34 4.33 4.09
C MET A 127 -0.91 3.30 5.13
N SER A 128 -0.21 2.26 4.68
N SER A 128 -0.22 2.25 4.67
CA SER A 128 0.10 1.14 5.56
CA SER A 128 0.14 1.13 5.54
C SER A 128 0.83 1.50 6.86
C SER A 128 0.82 1.51 6.85
N PRO A 129 1.71 2.52 6.93
CA PRO A 129 2.31 2.86 8.24
C PRO A 129 1.29 3.29 9.27
N LEU A 130 0.07 3.68 8.85
CA LEU A 130 -0.96 3.98 9.84
C LEU A 130 -1.24 2.76 10.72
N VAL A 131 -1.05 1.55 10.20
CA VAL A 131 -1.32 0.34 10.98
C VAL A 131 -0.62 0.40 12.33
N ASP A 132 0.64 0.85 12.33
CA ASP A 132 1.42 0.86 13.57
C ASP A 132 0.83 1.84 14.57
N ASN A 133 0.30 2.97 14.10
CA ASN A 133 -0.35 3.87 15.03
C ASN A 133 -1.64 3.26 15.57
N ILE A 134 -2.45 2.65 14.68
CA ILE A 134 -3.71 2.06 15.11
C ILE A 134 -3.47 0.99 16.17
N ALA A 135 -2.44 0.17 15.98
CA ALA A 135 -2.13 -0.87 16.96
C ALA A 135 -1.78 -0.27 18.31
N LEU A 136 -1.10 0.88 18.31
CA LEU A 136 -0.75 1.56 19.55
C LEU A 136 -1.99 2.14 20.20
N TRP A 137 -2.82 2.85 19.43
CA TRP A 137 -4.07 3.34 19.99
C TRP A 137 -4.91 2.21 20.60
N MET A 138 -4.98 1.06 19.93
CA MET A 138 -5.76 -0.06 20.46
C MET A 138 -5.16 -0.60 21.77
N THR A 139 -3.84 -0.71 21.83
CA THR A 139 -3.18 -1.15 23.07
C THR A 139 -3.41 -0.15 24.18
N GLU A 140 -3.29 1.15 23.88
CA GLU A 140 -3.56 2.18 24.89
C GLU A 140 -4.97 2.05 25.43
N TYR A 141 -5.95 1.96 24.54
CA TYR A 141 -7.33 1.87 24.99
C TYR A 141 -7.58 0.59 25.79
N LEU A 142 -6.96 -0.53 25.38
CA LEU A 142 -7.10 -1.75 26.17
C LEU A 142 -6.53 -1.57 27.57
N ASN A 143 -5.29 -1.08 27.65
CA ASN A 143 -4.59 -0.96 28.94
C ASN A 143 -5.21 0.09 29.85
N ARG A 144 -5.87 1.10 29.29
CA ARG A 144 -6.29 2.24 30.11
C ARG A 144 -7.78 2.26 30.40
N HIS A 145 -8.62 1.66 29.56
CA HIS A 145 -10.05 1.84 29.75
C HIS A 145 -10.80 0.52 29.77
N LEU A 146 -10.25 -0.52 29.16
CA LEU A 146 -10.92 -1.81 29.15
C LEU A 146 -10.35 -2.79 30.17
N HIS A 147 -9.15 -2.54 30.68
CA HIS A 147 -8.49 -3.47 31.59
C HIS A 147 -9.29 -3.68 32.87
N THR A 148 -9.96 -2.63 33.35
CA THR A 148 -10.72 -2.74 34.59
C THR A 148 -11.91 -3.67 34.45
N TRP A 149 -12.77 -3.43 33.46
CA TRP A 149 -13.90 -4.32 33.24
C TRP A 149 -13.44 -5.76 33.00
N ILE A 150 -12.40 -5.94 32.18
CA ILE A 150 -11.93 -7.29 31.87
C ILE A 150 -11.52 -8.02 33.14
N GLN A 151 -10.75 -7.36 34.00
CA GLN A 151 -10.31 -8.01 35.24
C GLN A 151 -11.48 -8.24 36.18
N ASP A 152 -12.39 -7.26 36.30
CA ASP A 152 -13.57 -7.44 37.14
C ASP A 152 -14.48 -8.54 36.64
N ASN A 153 -14.33 -8.97 35.38
CA ASN A 153 -15.30 -9.87 34.76
C ASN A 153 -14.71 -11.21 34.40
N GLY A 154 -13.60 -11.58 35.04
CA GLY A 154 -13.08 -12.92 34.94
C GLY A 154 -11.88 -13.06 34.06
N GLY A 155 -11.38 -11.96 33.52
CA GLY A 155 -10.20 -12.00 32.67
C GLY A 155 -10.49 -12.62 31.32
N TRP A 156 -9.43 -12.67 30.50
CA TRP A 156 -9.57 -13.25 29.18
C TRP A 156 -9.98 -14.72 29.25
N ASP A 157 -9.60 -15.43 30.31
CA ASP A 157 -10.05 -16.81 30.44
C ASP A 157 -11.57 -16.91 30.44
N ALA A 158 -12.25 -15.88 30.98
CA ALA A 158 -13.71 -15.86 30.95
C ALA A 158 -14.25 -15.61 29.54
N PHE A 159 -13.55 -14.83 28.72
CA PHE A 159 -13.94 -14.72 27.32
C PHE A 159 -13.85 -16.06 26.61
N VAL A 160 -12.71 -16.75 26.77
CA VAL A 160 -12.57 -18.11 26.24
C VAL A 160 -13.73 -18.99 26.71
N GLU A 161 -14.05 -18.93 28.01
CA GLU A 161 -15.15 -19.74 28.55
C GLU A 161 -16.49 -19.38 27.90
N LEU A 162 -16.77 -18.08 27.79
CA LEU A 162 -18.03 -17.63 27.20
C LEU A 162 -18.12 -18.02 25.74
N TYR A 163 -17.05 -17.79 24.96
CA TYR A 163 -17.15 -18.05 23.53
C TYR A 163 -17.06 -19.53 23.16
N GLY A 164 -16.55 -20.37 24.06
CA GLY A 164 -16.41 -21.79 23.83
C GLY A 164 -17.46 -22.46 22.96
N PRO A 165 -18.71 -22.49 23.42
CA PRO A 165 -19.75 -23.21 22.67
C PRO A 165 -19.99 -22.69 21.26
N SER A 166 -19.47 -21.52 20.89
CA SER A 166 -19.64 -20.99 19.53
C SER A 166 -18.48 -21.33 18.61
N MET A 167 -17.41 -21.93 19.13
CA MET A 167 -16.28 -22.28 18.30
C MET A 167 -16.66 -23.35 17.28
N ARG A 168 -16.14 -23.22 16.07
CA ARG A 168 -16.38 -24.18 14.99
C ARG A 168 -15.06 -24.58 14.35
N MET B 5 -19.78 8.74 11.72
CA MET B 5 -19.05 8.03 12.76
C MET B 5 -20.03 7.57 13.85
N GLU B 6 -21.05 8.39 14.10
CA GLU B 6 -22.14 7.97 14.97
C GLU B 6 -22.88 6.78 14.37
N ASN B 7 -23.19 6.86 13.07
CA ASN B 7 -23.80 5.73 12.37
C ASN B 7 -22.96 4.47 12.53
N LEU B 8 -21.64 4.61 12.37
CA LEU B 8 -20.77 3.46 12.51
C LEU B 8 -20.77 2.94 13.94
N SER B 9 -20.70 3.85 14.90
CA SER B 9 -20.63 3.41 16.30
C SER B 9 -21.91 2.66 16.71
N ARG B 10 -23.08 3.18 16.32
N ARG B 10 -23.07 3.18 16.32
CA ARG B 10 -24.32 2.51 16.71
CA ARG B 10 -24.33 2.53 16.70
C ARG B 10 -24.48 1.18 16.01
C ARG B 10 -24.48 1.18 16.01
N ARG B 11 -23.97 1.05 14.77
CA ARG B 11 -23.97 -0.25 14.11
C ARG B 11 -23.04 -1.24 14.83
N LEU B 12 -21.87 -0.78 15.27
CA LEU B 12 -20.94 -1.65 16.01
C LEU B 12 -21.55 -2.10 17.33
N LYS B 13 -22.19 -1.17 18.05
CA LYS B 13 -22.76 -1.48 19.35
C LYS B 13 -23.88 -2.49 19.24
N VAL B 14 -24.77 -2.32 18.26
CA VAL B 14 -25.90 -3.22 18.10
C VAL B 14 -25.42 -4.63 17.78
N THR B 15 -24.44 -4.75 16.88
CA THR B 15 -23.89 -6.07 16.56
C THR B 15 -23.12 -6.64 17.75
N GLY B 16 -22.40 -5.78 18.47
N GLY B 16 -22.40 -5.78 18.47
CA GLY B 16 -21.70 -6.25 19.67
CA GLY B 16 -21.70 -6.25 19.67
C GLY B 16 -22.66 -6.77 20.72
C GLY B 16 -22.66 -6.77 20.72
N ASP B 17 -23.74 -6.04 20.98
CA ASP B 17 -24.71 -6.50 21.98
C ASP B 17 -25.43 -7.76 21.50
N LEU B 18 -25.79 -7.80 20.22
CA LEU B 18 -26.31 -9.04 19.65
C LEU B 18 -25.34 -10.19 19.88
N PHE B 19 -24.09 -10.02 19.46
CA PHE B 19 -23.05 -11.02 19.70
C PHE B 19 -22.99 -11.41 21.17
N ASP B 20 -23.08 -10.44 22.08
CA ASP B 20 -23.01 -10.73 23.51
C ASP B 20 -24.20 -11.58 23.95
N ILE B 21 -25.42 -11.25 23.50
CA ILE B 21 -26.58 -12.05 23.85
C ILE B 21 -26.44 -13.46 23.28
N MET B 22 -26.09 -13.57 21.99
CA MET B 22 -26.08 -14.88 21.36
C MET B 22 -25.05 -15.79 22.00
N SER B 23 -23.80 -15.32 22.12
CA SER B 23 -22.77 -16.20 22.68
C SER B 23 -23.02 -16.49 24.16
N GLY B 24 -23.68 -15.57 24.86
CA GLY B 24 -24.08 -15.83 26.22
C GLY B 24 -25.43 -16.51 26.26
N GLN B 25 -25.44 -17.83 26.13
CA GLN B 25 -26.67 -18.63 26.16
C GLN B 25 -27.61 -18.25 25.03
N THR C 9 -4.60 -16.13 2.29
CA THR C 9 -3.20 -16.26 1.85
C THR C 9 -3.05 -15.82 0.39
N GLY C 10 -2.22 -14.80 0.19
CA GLY C 10 -2.05 -14.23 -1.14
C GLY C 10 -1.46 -15.20 -2.13
N TYR C 11 -0.54 -16.06 -1.68
CA TYR C 11 0.05 -17.06 -2.57
C TYR C 11 -1.00 -17.97 -3.19
N ASP C 12 -1.84 -18.62 -2.36
CA ASP C 12 -2.85 -19.55 -2.88
C ASP C 12 -3.82 -18.85 -3.81
N ASN C 13 -4.25 -17.64 -3.44
CA ASN C 13 -5.22 -16.94 -4.27
C ASN C 13 -4.61 -16.53 -5.61
N ARG C 14 -3.36 -16.09 -5.58
CA ARG C 14 -2.64 -15.81 -6.83
C ARG C 14 -2.59 -17.05 -7.72
N GLU C 15 -2.21 -18.20 -7.14
CA GLU C 15 -2.15 -19.46 -7.89
C GLU C 15 -3.50 -19.82 -8.53
N ILE C 16 -4.59 -19.67 -7.77
CA ILE C 16 -5.91 -19.98 -8.33
C ILE C 16 -6.18 -19.12 -9.56
N VAL C 17 -5.89 -17.82 -9.46
CA VAL C 17 -6.15 -16.93 -10.60
C VAL C 17 -5.26 -17.29 -11.79
N MET C 18 -3.96 -17.50 -11.53
CA MET C 18 -3.02 -17.75 -12.62
C MET C 18 -3.37 -19.04 -13.34
N LYS C 19 -3.63 -20.11 -12.59
CA LYS C 19 -3.97 -21.37 -13.23
C LYS C 19 -5.31 -21.28 -13.96
N TYR C 20 -6.26 -20.50 -13.44
CA TYR C 20 -7.50 -20.36 -14.17
C TYR C 20 -7.28 -19.60 -15.49
N ILE C 21 -6.58 -18.47 -15.44
N ILE C 21 -6.55 -18.49 -15.45
CA ILE C 21 -6.34 -17.72 -16.66
CA ILE C 21 -6.34 -17.70 -16.66
C ILE C 21 -5.53 -18.54 -17.65
C ILE C 21 -5.49 -18.48 -17.65
N HIS C 22 -4.49 -19.22 -17.16
CA HIS C 22 -3.65 -20.00 -18.07
C HIS C 22 -4.48 -21.04 -18.82
N TYR C 23 -5.48 -21.60 -18.14
CA TYR C 23 -6.40 -22.53 -18.79
C TYR C 23 -7.30 -21.85 -19.82
N LYS C 24 -7.98 -20.75 -19.43
CA LYS C 24 -8.81 -20.02 -20.40
C LYS C 24 -8.04 -19.70 -21.67
N LEU C 25 -6.79 -19.28 -21.54
CA LEU C 25 -6.04 -18.88 -22.72
C LEU C 25 -5.63 -20.09 -23.55
N SER C 26 -5.21 -21.18 -22.89
CA SER C 26 -4.78 -22.34 -23.67
C SER C 26 -5.97 -22.99 -24.38
N GLN C 27 -7.17 -22.88 -23.81
CA GLN C 27 -8.39 -23.26 -24.53
C GLN C 27 -8.45 -22.57 -25.89
N ARG C 28 -8.22 -21.26 -25.92
CA ARG C 28 -8.15 -20.50 -27.16
C ARG C 28 -6.76 -20.53 -27.79
N GLY C 29 -5.93 -21.50 -27.43
CA GLY C 29 -4.68 -21.76 -28.11
C GLY C 29 -3.57 -20.78 -27.86
N TYR C 30 -3.60 -20.04 -26.75
CA TYR C 30 -2.56 -19.08 -26.41
C TYR C 30 -1.83 -19.54 -25.16
N GLU C 31 -0.50 -19.56 -25.22
CA GLU C 31 0.32 -19.97 -24.09
C GLU C 31 0.80 -18.74 -23.32
N TRP C 32 0.48 -18.68 -22.04
CA TRP C 32 0.75 -17.50 -21.22
C TRP C 32 1.73 -17.85 -20.11
N ASP C 33 2.87 -17.16 -20.09
CA ASP C 33 3.88 -17.34 -19.04
C ASP C 33 3.52 -16.59 -17.76
N GLU C 47 -0.07 -32.62 -10.23
CA GLU C 47 0.69 -32.72 -8.99
C GLU C 47 0.02 -33.64 -7.98
N GLY C 48 -1.23 -34.02 -8.27
CA GLY C 48 -1.95 -34.95 -7.42
C GLY C 48 -2.15 -34.44 -6.02
N THR C 49 -2.15 -33.12 -5.83
CA THR C 49 -2.39 -32.54 -4.52
C THR C 49 -3.88 -32.24 -4.36
N GLU C 50 -4.27 -31.98 -3.11
CA GLU C 50 -5.61 -31.47 -2.86
C GLU C 50 -5.85 -30.16 -3.62
N SER C 51 -4.86 -29.26 -3.61
CA SER C 51 -4.97 -27.99 -4.33
C SER C 51 -5.31 -28.17 -5.80
N GLU C 52 -4.69 -29.14 -6.47
CA GLU C 52 -5.03 -29.40 -7.86
C GLU C 52 -6.53 -29.71 -8.04
N VAL C 53 -7.17 -30.34 -7.04
CA VAL C 53 -8.60 -30.65 -7.15
C VAL C 53 -9.42 -29.36 -7.26
N VAL C 54 -9.05 -28.34 -6.49
CA VAL C 54 -9.74 -27.06 -6.58
C VAL C 54 -9.60 -26.50 -8.00
N HIS C 55 -8.37 -26.46 -8.53
CA HIS C 55 -8.16 -25.88 -9.86
C HIS C 55 -8.98 -26.59 -10.92
N LEU C 56 -9.04 -27.92 -10.85
CA LEU C 56 -9.75 -28.72 -11.83
C LEU C 56 -11.24 -28.56 -11.70
N THR C 57 -11.75 -28.41 -10.48
CA THR C 57 -13.18 -28.21 -10.29
C THR C 57 -13.64 -26.84 -10.78
N LEU C 58 -12.87 -25.79 -10.48
CA LEU C 58 -13.20 -24.45 -10.98
C LEU C 58 -13.11 -24.39 -12.51
N ARG C 59 -12.15 -25.13 -13.08
CA ARG C 59 -12.06 -25.31 -14.53
C ARG C 59 -13.39 -25.78 -15.11
N GLN C 60 -13.87 -26.92 -14.62
CA GLN C 60 -15.14 -27.46 -15.12
C GLN C 60 -16.29 -26.51 -14.83
N ALA C 61 -16.35 -25.96 -13.61
CA ALA C 61 -17.47 -25.09 -13.27
C ALA C 61 -17.51 -23.88 -14.19
N GLY C 62 -16.35 -23.31 -14.52
CA GLY C 62 -16.33 -22.16 -15.40
C GLY C 62 -16.78 -22.48 -16.81
N ASP C 63 -16.33 -23.62 -17.34
CA ASP C 63 -16.77 -24.05 -18.65
C ASP C 63 -18.30 -24.20 -18.68
N ASP C 64 -18.87 -24.89 -17.67
CA ASP C 64 -20.33 -25.00 -17.58
C ASP C 64 -21.00 -23.64 -17.45
N PHE C 65 -20.50 -22.77 -16.58
CA PHE C 65 -21.05 -21.42 -16.52
C PHE C 65 -21.12 -20.80 -17.91
N SER C 66 -20.01 -20.82 -18.64
CA SER C 66 -19.93 -20.18 -19.95
C SER C 66 -20.96 -20.76 -20.93
N ARG C 67 -21.21 -22.05 -20.85
CA ARG C 67 -22.17 -22.68 -21.74
C ARG C 67 -23.60 -22.30 -21.37
N ARG C 68 -23.91 -22.30 -20.08
CA ARG C 68 -25.20 -21.81 -19.61
C ARG C 68 -25.40 -20.34 -19.98
N TYR C 69 -24.35 -19.53 -19.82
CA TYR C 69 -24.43 -18.11 -20.15
C TYR C 69 -24.74 -17.90 -21.63
N ARG C 70 -23.87 -18.40 -22.50
CA ARG C 70 -24.07 -18.23 -23.94
C ARG C 70 -25.40 -18.82 -24.41
N ARG C 71 -25.96 -19.77 -23.67
CA ARG C 71 -27.25 -20.33 -24.03
C ARG C 71 -28.33 -19.25 -24.04
N ASP C 72 -28.24 -18.30 -23.11
CA ASP C 72 -29.24 -17.25 -22.95
C ASP C 72 -28.82 -15.91 -23.53
N PHE C 73 -27.52 -15.64 -23.59
CA PHE C 73 -27.04 -14.35 -24.07
C PHE C 73 -25.99 -14.59 -25.14
N ALA C 74 -25.58 -13.51 -25.79
CA ALA C 74 -24.55 -13.64 -26.81
C ALA C 74 -23.22 -14.00 -26.16
N GLU C 75 -22.18 -14.13 -26.97
CA GLU C 75 -20.85 -14.27 -26.40
C GLU C 75 -20.54 -13.01 -25.59
N MET C 76 -20.05 -13.21 -24.37
CA MET C 76 -19.72 -12.07 -23.52
C MET C 76 -18.67 -11.17 -24.15
N SER C 77 -17.81 -11.73 -25.00
CA SER C 77 -16.76 -10.96 -25.66
C SER C 77 -17.30 -9.72 -26.35
N SER C 78 -18.53 -9.79 -26.89
CA SER C 78 -19.07 -8.70 -27.69
C SER C 78 -19.34 -7.47 -26.85
N GLN C 79 -20.18 -7.61 -25.81
CA GLN C 79 -20.58 -6.48 -24.99
C GLN C 79 -19.48 -5.99 -24.07
N LEU C 80 -18.22 -6.24 -24.44
CA LEU C 80 -17.12 -5.83 -23.59
C LEU C 80 -16.66 -4.41 -23.91
N HIS C 81 -16.38 -4.12 -25.18
CA HIS C 81 -15.87 -2.82 -25.61
C HIS C 81 -14.61 -2.47 -24.82
N LEU C 82 -13.60 -3.32 -25.00
CA LEU C 82 -12.42 -3.31 -24.16
C LEU C 82 -11.33 -2.46 -24.81
N THR C 83 -10.92 -1.41 -24.12
CA THR C 83 -9.76 -0.63 -24.49
C THR C 83 -8.78 -0.61 -23.32
N PRO C 84 -7.49 -0.44 -23.57
CA PRO C 84 -6.56 -0.41 -22.44
C PRO C 84 -6.87 0.71 -21.45
N PHE C 85 -7.43 1.81 -21.93
CA PHE C 85 -7.70 2.95 -21.05
C PHE C 85 -8.88 2.68 -20.13
N THR C 86 -9.88 1.96 -20.62
CA THR C 86 -11.08 1.67 -19.85
C THR C 86 -11.04 0.31 -19.11
N ALA C 87 -10.06 -0.54 -19.40
CA ALA C 87 -10.09 -1.92 -18.91
C ALA C 87 -10.26 -2.01 -17.40
N ARG C 88 -9.44 -1.27 -16.63
CA ARG C 88 -9.55 -1.34 -15.17
C ARG C 88 -10.93 -0.86 -14.68
N GLY C 89 -11.39 0.26 -15.22
CA GLY C 89 -12.69 0.77 -14.83
C GLY C 89 -13.80 -0.20 -15.12
N ARG C 90 -13.80 -0.79 -16.33
CA ARG C 90 -14.80 -1.79 -16.67
C ARG C 90 -14.70 -3.02 -15.76
N PHE C 91 -13.48 -3.48 -15.47
CA PHE C 91 -13.34 -4.58 -14.52
C PHE C 91 -13.97 -4.21 -13.19
N ALA C 92 -13.67 -3.01 -12.68
CA ALA C 92 -14.09 -2.66 -11.34
C ALA C 92 -15.59 -2.43 -11.26
N THR C 93 -16.20 -1.92 -12.34
CA THR C 93 -17.63 -1.66 -12.33
C THR C 93 -18.42 -2.96 -12.31
N VAL C 94 -18.09 -3.87 -13.23
CA VAL C 94 -18.80 -5.14 -13.35
C VAL C 94 -18.68 -5.94 -12.06
N VAL C 95 -17.48 -6.01 -11.48
CA VAL C 95 -17.26 -6.86 -10.31
C VAL C 95 -17.90 -6.24 -9.07
N GLU C 96 -17.79 -4.92 -8.91
CA GLU C 96 -18.42 -4.24 -7.79
C GLU C 96 -19.91 -4.47 -7.77
N GLU C 97 -20.55 -4.36 -8.92
CA GLU C 97 -21.99 -4.58 -9.04
C GLU C 97 -22.33 -6.06 -8.83
N LEU C 98 -21.53 -6.96 -9.41
CA LEU C 98 -21.72 -8.39 -9.25
C LEU C 98 -21.87 -8.79 -7.79
N PHE C 99 -21.10 -8.17 -6.90
CA PHE C 99 -21.07 -8.55 -5.50
C PHE C 99 -21.71 -7.52 -4.56
N ARG C 100 -22.26 -6.42 -5.08
CA ARG C 100 -22.78 -5.34 -4.24
C ARG C 100 -23.78 -5.87 -3.20
N ASP C 101 -24.73 -6.71 -3.61
CA ASP C 101 -25.78 -7.18 -2.71
C ASP C 101 -25.55 -8.61 -2.23
N GLY C 102 -24.31 -9.08 -2.19
CA GLY C 102 -24.04 -10.43 -1.70
C GLY C 102 -23.05 -11.26 -2.50
N VAL C 103 -22.55 -12.32 -1.86
CA VAL C 103 -21.66 -13.31 -2.47
C VAL C 103 -22.34 -14.67 -2.43
N ASN C 104 -22.13 -15.48 -3.47
CA ASN C 104 -22.35 -16.92 -3.40
C ASN C 104 -21.38 -17.60 -4.37
N TRP C 105 -21.37 -18.93 -4.36
CA TRP C 105 -20.37 -19.62 -5.17
C TRP C 105 -20.61 -19.42 -6.66
N GLY C 106 -21.85 -19.30 -7.09
CA GLY C 106 -22.12 -19.07 -8.51
C GLY C 106 -21.64 -17.70 -8.97
N ARG C 107 -21.73 -16.70 -8.11
CA ARG C 107 -21.21 -15.38 -8.46
C ARG C 107 -19.69 -15.38 -8.46
N ILE C 108 -19.07 -16.20 -7.61
CA ILE C 108 -17.62 -16.34 -7.67
C ILE C 108 -17.20 -16.97 -8.98
N VAL C 109 -17.91 -18.01 -9.43
CA VAL C 109 -17.60 -18.58 -10.73
C VAL C 109 -17.77 -17.53 -11.83
N ALA C 110 -18.87 -16.78 -11.74
CA ALA C 110 -19.11 -15.67 -12.66
C ALA C 110 -17.93 -14.71 -12.68
N PHE C 111 -17.34 -14.42 -11.51
CA PHE C 111 -16.20 -13.50 -11.42
C PHE C 111 -15.01 -14.05 -12.19
N PHE C 112 -14.72 -15.34 -12.02
CA PHE C 112 -13.58 -15.93 -12.72
C PHE C 112 -13.80 -15.93 -14.22
N GLU C 113 -15.02 -16.30 -14.64
CA GLU C 113 -15.31 -16.37 -16.07
C GLU C 113 -15.20 -14.99 -16.71
N PHE C 114 -15.71 -13.97 -16.02
CA PHE C 114 -15.61 -12.60 -16.53
C PHE C 114 -14.16 -12.16 -16.70
N GLY C 115 -13.33 -12.34 -15.67
CA GLY C 115 -11.91 -12.07 -15.81
C GLY C 115 -11.28 -12.87 -16.95
N GLY C 116 -11.68 -14.14 -17.07
CA GLY C 116 -11.19 -14.98 -18.15
C GLY C 116 -11.56 -14.45 -19.53
N VAL C 117 -12.80 -13.97 -19.68
CA VAL C 117 -13.21 -13.39 -20.96
C VAL C 117 -12.43 -12.11 -21.25
N MET C 118 -12.16 -11.32 -20.21
N MET C 118 -12.16 -11.31 -20.21
CA MET C 118 -11.35 -10.11 -20.40
CA MET C 118 -11.35 -10.11 -20.40
C MET C 118 -9.96 -10.44 -20.91
C MET C 118 -9.96 -10.44 -20.91
N CYS C 119 -9.35 -11.52 -20.37
CA CYS C 119 -8.03 -11.94 -20.83
C CYS C 119 -8.06 -12.43 -22.26
N VAL C 120 -9.06 -13.24 -22.59
CA VAL C 120 -9.18 -13.74 -23.95
C VAL C 120 -9.42 -12.59 -24.92
N GLU C 121 -10.29 -11.65 -24.56
CA GLU C 121 -10.51 -10.53 -25.47
C GLU C 121 -9.24 -9.71 -25.63
N SER C 122 -8.50 -9.51 -24.53
CA SER C 122 -7.22 -8.80 -24.60
C SER C 122 -6.31 -9.41 -25.66
N VAL C 123 -6.15 -10.74 -25.62
CA VAL C 123 -5.34 -11.40 -26.64
C VAL C 123 -5.96 -11.21 -28.02
N ASN C 124 -7.29 -11.39 -28.12
CA ASN C 124 -7.97 -11.19 -29.39
C ASN C 124 -7.65 -9.82 -29.97
N ARG C 125 -7.70 -8.78 -29.14
CA ARG C 125 -7.57 -7.39 -29.60
C ARG C 125 -6.11 -6.92 -29.63
N GLU C 126 -5.15 -7.84 -29.65
CA GLU C 126 -3.72 -7.52 -29.73
C GLU C 126 -3.24 -6.65 -28.57
N MET C 127 -3.79 -6.89 -27.39
CA MET C 127 -3.41 -6.22 -26.15
C MET C 127 -3.06 -7.26 -25.08
N SER C 128 -2.39 -8.32 -25.49
CA SER C 128 -2.13 -9.43 -24.59
C SER C 128 -1.38 -9.06 -23.31
N PRO C 129 -0.48 -8.05 -23.26
CA PRO C 129 0.10 -7.68 -21.96
C PRO C 129 -0.94 -7.35 -20.92
N LEU C 130 -2.11 -6.83 -21.32
CA LEU C 130 -3.21 -6.57 -20.41
C LEU C 130 -3.54 -7.76 -19.53
N VAL C 131 -3.28 -9.00 -20.01
CA VAL C 131 -3.59 -10.18 -19.22
C VAL C 131 -2.92 -10.10 -17.85
N ASP C 132 -1.67 -9.60 -17.81
CA ASP C 132 -0.94 -9.52 -16.56
C ASP C 132 -1.60 -8.55 -15.58
N ASN C 133 -2.13 -7.42 -16.08
CA ASN C 133 -2.84 -6.52 -15.18
C ASN C 133 -4.15 -7.13 -14.71
N ILE C 134 -4.86 -7.84 -15.59
CA ILE C 134 -6.15 -8.44 -15.18
C ILE C 134 -5.93 -9.52 -14.11
N ALA C 135 -4.85 -10.30 -14.23
CA ALA C 135 -4.55 -11.31 -13.22
C ALA C 135 -4.31 -10.65 -11.86
N LEU C 136 -3.57 -9.54 -11.85
CA LEU C 136 -3.33 -8.79 -10.61
C LEU C 136 -4.63 -8.25 -10.02
N TRP C 137 -5.47 -7.62 -10.86
CA TRP C 137 -6.73 -7.08 -10.36
C TRP C 137 -7.63 -8.20 -9.81
N MET C 138 -7.65 -9.35 -10.48
CA MET C 138 -8.43 -10.48 -10.00
C MET C 138 -7.92 -11.02 -8.67
N THR C 139 -6.58 -11.13 -8.55
CA THR C 139 -5.97 -11.60 -7.31
C THR C 139 -6.22 -10.61 -6.18
N GLU C 140 -6.00 -9.32 -6.46
CA GLU C 140 -6.32 -8.28 -5.48
C GLU C 140 -7.75 -8.42 -4.96
N TYR C 141 -8.73 -8.46 -5.88
CA TYR C 141 -10.12 -8.52 -5.45
C TYR C 141 -10.42 -9.81 -4.68
N LEU C 142 -9.92 -10.95 -5.17
CA LEU C 142 -10.03 -12.20 -4.42
C LEU C 142 -9.45 -12.04 -3.02
N ASN C 143 -8.25 -11.45 -2.92
CA ASN C 143 -7.59 -11.30 -1.63
C ASN C 143 -8.40 -10.40 -0.71
N ARG C 144 -8.82 -9.24 -1.21
CA ARG C 144 -9.31 -8.19 -0.34
C ARG C 144 -10.80 -8.26 -0.07
N HIS C 145 -11.60 -8.85 -0.96
CA HIS C 145 -13.05 -8.80 -0.82
C HIS C 145 -13.76 -10.14 -0.92
N LEU C 146 -13.12 -11.22 -1.35
CA LEU C 146 -13.81 -12.50 -1.42
C LEU C 146 -13.27 -13.54 -0.45
N HIS C 147 -11.98 -13.50 -0.11
CA HIS C 147 -11.39 -14.63 0.60
C HIS C 147 -12.00 -14.85 1.98
N THR C 148 -12.41 -13.79 2.69
CA THR C 148 -13.02 -13.99 4.00
C THR C 148 -14.37 -14.69 3.87
N TRP C 149 -15.23 -14.21 2.95
CA TRP C 149 -16.47 -14.93 2.66
C TRP C 149 -16.22 -16.38 2.31
N ILE C 150 -15.19 -16.65 1.49
CA ILE C 150 -14.89 -18.03 1.13
C ILE C 150 -14.62 -18.84 2.38
N GLN C 151 -13.82 -18.28 3.29
CA GLN C 151 -13.44 -19.01 4.49
C GLN C 151 -14.61 -19.10 5.46
N ASP C 152 -15.41 -18.05 5.56
CA ASP C 152 -16.61 -18.14 6.39
C ASP C 152 -17.57 -19.20 5.89
N ASN C 153 -17.48 -19.59 4.62
CA ASN C 153 -18.43 -20.51 4.03
C ASN C 153 -17.83 -21.87 3.70
N GLY C 154 -16.80 -22.26 4.43
CA GLY C 154 -16.26 -23.60 4.33
C GLY C 154 -14.98 -23.74 3.54
N GLY C 155 -14.50 -22.66 2.92
CA GLY C 155 -13.28 -22.75 2.12
C GLY C 155 -13.58 -23.25 0.73
N TRP C 156 -12.51 -23.37 -0.06
CA TRP C 156 -12.62 -23.95 -1.40
C TRP C 156 -13.02 -25.41 -1.35
N ASP C 157 -12.72 -26.12 -0.26
CA ASP C 157 -13.18 -27.50 -0.16
C ASP C 157 -14.70 -27.58 -0.16
N ALA C 158 -15.37 -26.53 0.32
CA ALA C 158 -16.83 -26.47 0.29
C ALA C 158 -17.34 -26.28 -1.14
N PHE C 159 -16.66 -25.47 -1.95
CA PHE C 159 -16.99 -25.38 -3.36
C PHE C 159 -16.83 -26.72 -4.06
N VAL C 160 -15.69 -27.38 -3.84
CA VAL C 160 -15.49 -28.73 -4.38
C VAL C 160 -16.64 -29.65 -3.99
N GLU C 161 -17.01 -29.67 -2.70
CA GLU C 161 -18.13 -30.50 -2.27
C GLU C 161 -19.42 -30.13 -2.98
N LEU C 162 -19.69 -28.83 -3.08
CA LEU C 162 -20.96 -28.37 -3.63
C LEU C 162 -21.03 -28.67 -5.13
N TYR C 163 -19.94 -28.48 -5.85
CA TYR C 163 -20.03 -28.67 -7.28
C TYR C 163 -19.91 -30.13 -7.70
N GLY C 164 -19.41 -30.99 -6.82
CA GLY C 164 -19.18 -32.39 -7.11
C GLY C 164 -20.22 -33.06 -7.99
N PRO C 165 -21.48 -33.11 -7.54
CA PRO C 165 -22.52 -33.80 -8.30
C PRO C 165 -22.65 -33.33 -9.75
N SER C 166 -22.17 -32.11 -10.07
CA SER C 166 -22.29 -31.59 -11.41
C SER C 166 -21.08 -31.88 -12.29
N MET C 167 -20.05 -32.52 -11.76
CA MET C 167 -18.90 -32.87 -12.56
C MET C 167 -19.25 -33.98 -13.54
N ARG C 168 -18.72 -33.88 -14.77
CA ARG C 168 -18.93 -34.93 -15.78
C ARG C 168 -17.64 -35.26 -16.53
N MET D 5 -22.22 -1.79 -19.07
CA MET D 5 -21.52 -2.55 -18.04
C MET D 5 -22.52 -3.00 -16.99
N GLU D 6 -23.50 -2.14 -16.69
CA GLU D 6 -24.62 -2.55 -15.84
C GLU D 6 -25.37 -3.73 -16.47
N ASN D 7 -25.61 -3.67 -17.78
CA ASN D 7 -26.26 -4.79 -18.46
C ASN D 7 -25.43 -6.06 -18.37
N LEU D 8 -24.13 -5.94 -18.62
CA LEU D 8 -23.25 -7.09 -18.50
C LEU D 8 -23.28 -7.64 -17.06
N SER D 9 -23.18 -6.77 -16.07
CA SER D 9 -23.12 -7.23 -14.69
C SER D 9 -24.42 -7.92 -14.27
N ARG D 10 -25.56 -7.43 -14.76
CA ARG D 10 -26.84 -8.06 -14.45
C ARG D 10 -26.90 -9.46 -15.04
N ARG D 11 -26.46 -9.61 -16.29
CA ARG D 11 -26.40 -10.93 -16.90
C ARG D 11 -25.48 -11.88 -16.13
N LEU D 12 -24.33 -11.39 -15.66
CA LEU D 12 -23.44 -12.25 -14.88
C LEU D 12 -24.07 -12.66 -13.57
N LYS D 13 -24.73 -11.70 -12.91
CA LYS D 13 -25.37 -11.96 -11.62
C LYS D 13 -26.49 -12.97 -11.76
N VAL D 14 -27.30 -12.87 -12.81
CA VAL D 14 -28.43 -13.76 -12.97
C VAL D 14 -27.95 -15.16 -13.30
N THR D 15 -26.97 -15.28 -14.20
CA THR D 15 -26.40 -16.58 -14.52
C THR D 15 -25.72 -17.19 -13.31
N GLY D 16 -25.04 -16.35 -12.52
N GLY D 16 -25.04 -16.35 -12.52
CA GLY D 16 -24.36 -16.86 -11.33
CA GLY D 16 -24.36 -16.86 -11.33
C GLY D 16 -25.32 -17.38 -10.27
C GLY D 16 -25.32 -17.38 -10.27
N ASP D 17 -26.41 -16.63 -10.02
CA ASP D 17 -27.41 -17.09 -9.07
C ASP D 17 -28.11 -18.35 -9.57
N LEU D 18 -28.45 -18.38 -10.87
CA LEU D 18 -28.95 -19.61 -11.46
C LEU D 18 -27.98 -20.77 -11.25
N PHE D 19 -26.68 -20.50 -11.46
CA PHE D 19 -25.66 -21.52 -11.22
C PHE D 19 -25.65 -21.96 -9.77
N ASP D 20 -25.66 -21.00 -8.85
CA ASP D 20 -25.68 -21.31 -7.43
C ASP D 20 -26.87 -22.19 -7.06
N ILE D 21 -28.05 -21.89 -7.62
CA ILE D 21 -29.24 -22.66 -7.23
C ILE D 21 -29.17 -24.08 -7.76
N MET D 22 -28.74 -24.25 -9.03
CA MET D 22 -28.69 -25.59 -9.60
C MET D 22 -27.62 -26.46 -8.97
N SER D 23 -26.55 -25.86 -8.43
CA SER D 23 -25.49 -26.67 -7.84
C SER D 23 -25.90 -27.27 -6.51
N GLY D 24 -26.73 -26.57 -5.74
CA GLY D 24 -27.16 -27.07 -4.45
C GLY D 24 -28.59 -27.60 -4.44
N ASP E 12 10.83 -9.89 -12.30
CA ASP E 12 11.13 -8.86 -11.31
C ASP E 12 11.34 -7.49 -11.96
N ASN E 13 11.51 -7.47 -13.28
CA ASN E 13 11.47 -6.20 -14.00
C ASN E 13 10.16 -5.47 -13.72
N ARG E 14 9.06 -6.22 -13.60
CA ARG E 14 7.76 -5.62 -13.29
C ARG E 14 7.80 -4.91 -11.94
N GLU E 15 8.46 -5.52 -10.95
CA GLU E 15 8.58 -4.93 -9.62
C GLU E 15 9.41 -3.65 -9.64
N ILE E 16 10.56 -3.68 -10.34
CA ILE E 16 11.38 -2.48 -10.50
C ILE E 16 10.57 -1.33 -11.08
N VAL E 17 9.90 -1.60 -12.21
CA VAL E 17 9.01 -0.60 -12.81
C VAL E 17 7.97 -0.12 -11.82
N MET E 18 7.26 -1.06 -11.19
CA MET E 18 6.19 -0.68 -10.29
C MET E 18 6.72 0.14 -9.12
N LYS E 19 7.87 -0.25 -8.57
CA LYS E 19 8.45 0.53 -7.47
C LYS E 19 8.91 1.91 -7.95
N TYR E 20 9.43 2.01 -9.17
CA TYR E 20 9.89 3.30 -9.66
C TYR E 20 8.72 4.24 -9.87
N ILE E 21 7.66 3.76 -10.53
CA ILE E 21 6.48 4.59 -10.77
C ILE E 21 5.83 5.01 -9.46
N HIS E 22 5.84 4.12 -8.46
CA HIS E 22 5.19 4.50 -7.21
C HIS E 22 5.96 5.63 -6.54
N TYR E 23 7.28 5.57 -6.59
CA TYR E 23 8.11 6.65 -6.08
C TYR E 23 7.85 7.96 -6.81
N LYS E 24 7.87 7.93 -8.15
CA LYS E 24 7.64 9.16 -8.90
C LYS E 24 6.28 9.76 -8.56
N LEU E 25 5.25 8.91 -8.46
CA LEU E 25 3.91 9.41 -8.17
C LEU E 25 3.85 10.03 -6.78
N SER E 26 4.44 9.37 -5.77
CA SER E 26 4.40 9.92 -4.43
C SER E 26 5.20 11.20 -4.30
N GLN E 27 6.14 11.45 -5.22
CA GLN E 27 6.82 12.73 -5.28
C GLN E 27 5.86 13.87 -5.56
N ARG E 28 4.67 13.58 -6.08
CA ARG E 28 3.68 14.61 -6.37
C ARG E 28 2.43 14.48 -5.52
N GLY E 29 2.44 13.62 -4.51
CA GLY E 29 1.29 13.42 -3.65
C GLY E 29 0.30 12.39 -4.13
N TYR E 30 0.54 11.77 -5.28
CA TYR E 30 -0.42 10.86 -5.88
C TYR E 30 -0.32 9.47 -5.28
N GLU E 31 -1.45 8.79 -5.21
CA GLU E 31 -1.53 7.40 -4.79
C GLU E 31 -1.67 6.49 -6.02
N TRP E 32 -1.29 5.23 -5.84
CA TRP E 32 -1.45 4.27 -6.92
C TRP E 32 -1.53 2.86 -6.36
N ASP E 33 -2.46 2.08 -6.92
CA ASP E 33 -2.67 0.70 -6.53
C ASP E 33 -2.07 -0.25 -7.57
N SER E 51 18.60 -6.48 -4.35
CA SER E 51 17.40 -7.01 -3.70
C SER E 51 16.37 -5.89 -3.51
N GLU E 52 16.77 -4.88 -2.74
CA GLU E 52 16.08 -3.60 -2.66
C GLU E 52 17.01 -2.43 -2.92
N VAL E 53 18.32 -2.65 -2.93
CA VAL E 53 19.29 -1.60 -3.20
C VAL E 53 19.19 -1.16 -4.66
N VAL E 54 18.72 -2.05 -5.53
CA VAL E 54 18.44 -1.66 -6.91
C VAL E 54 17.40 -0.55 -6.94
N HIS E 55 16.36 -0.67 -6.10
CA HIS E 55 15.26 0.30 -6.16
C HIS E 55 15.75 1.71 -5.82
N LEU E 56 16.55 1.85 -4.76
CA LEU E 56 16.93 3.19 -4.37
C LEU E 56 18.11 3.73 -5.19
N THR E 57 18.94 2.84 -5.73
CA THR E 57 19.92 3.31 -6.72
C THR E 57 19.21 3.91 -7.93
N LEU E 58 18.10 3.31 -8.34
CA LEU E 58 17.32 3.83 -9.46
C LEU E 58 16.64 5.14 -9.10
N ARG E 59 16.10 5.25 -7.88
CA ARG E 59 15.48 6.51 -7.46
C ARG E 59 16.52 7.61 -7.40
N GLN E 60 17.73 7.30 -6.93
CA GLN E 60 18.80 8.28 -6.85
C GLN E 60 19.26 8.71 -8.24
N ALA E 61 19.56 7.73 -9.10
CA ALA E 61 20.01 8.06 -10.44
C ALA E 61 18.92 8.78 -11.22
N GLY E 62 17.65 8.39 -11.00
CA GLY E 62 16.55 9.02 -11.70
C GLY E 62 16.38 10.48 -11.30
N ASP E 63 16.42 10.77 -9.99
CA ASP E 63 16.34 12.16 -9.53
C ASP E 63 17.51 12.97 -10.06
N ASP E 64 18.72 12.38 -10.01
CA ASP E 64 19.89 13.03 -10.57
C ASP E 64 19.69 13.37 -12.03
N PHE E 65 19.26 12.38 -12.84
CA PHE E 65 18.93 12.61 -14.25
C PHE E 65 17.92 13.75 -14.42
N SER E 66 16.92 13.80 -13.55
CA SER E 66 15.90 14.84 -13.67
C SER E 66 16.51 16.21 -13.48
N ARG E 67 17.36 16.36 -12.46
CA ARG E 67 18.02 17.65 -12.23
C ARG E 67 18.87 18.06 -13.43
N ARG E 68 19.62 17.11 -14.01
CA ARG E 68 20.48 17.44 -15.14
C ARG E 68 19.66 17.79 -16.37
N TYR E 69 18.56 17.06 -16.60
CA TYR E 69 17.67 17.34 -17.73
C TYR E 69 17.10 18.75 -17.64
N ARG E 70 16.57 19.10 -16.47
CA ARG E 70 15.91 20.39 -16.27
C ARG E 70 16.88 21.55 -16.40
N ARG E 71 18.15 21.35 -16.06
CA ARG E 71 19.11 22.45 -16.12
C ARG E 71 19.31 22.94 -17.55
N ASP E 72 19.21 22.04 -18.55
CA ASP E 72 19.43 22.42 -19.94
C ASP E 72 18.17 22.42 -20.79
N PHE E 73 17.10 21.77 -20.35
CA PHE E 73 15.83 21.84 -21.04
C PHE E 73 14.77 22.19 -20.02
N ALA E 74 13.58 22.52 -20.50
CA ALA E 74 12.51 22.81 -19.56
C ALA E 74 12.14 21.52 -18.83
N GLU E 75 11.14 21.62 -17.94
CA GLU E 75 10.53 20.42 -17.40
C GLU E 75 10.12 19.51 -18.54
N MET E 76 10.44 18.22 -18.42
CA MET E 76 9.94 17.25 -19.40
C MET E 76 8.42 17.33 -19.51
N SER E 77 7.73 17.60 -18.39
CA SER E 77 6.28 17.76 -18.39
C SER E 77 5.81 18.65 -19.53
N SER E 78 6.39 19.84 -19.63
CA SER E 78 5.98 20.84 -20.62
C SER E 78 6.00 20.31 -22.05
N GLN E 79 6.75 19.24 -22.32
CA GLN E 79 7.02 18.78 -23.67
C GLN E 79 6.34 17.46 -23.99
N LEU E 80 5.51 16.96 -23.08
CA LEU E 80 4.81 15.71 -23.33
C LEU E 80 3.45 16.01 -23.95
N HIS E 81 3.17 15.35 -25.06
CA HIS E 81 1.82 15.31 -25.60
C HIS E 81 1.29 13.88 -25.48
N LEU E 82 0.03 13.77 -25.10
CA LEU E 82 -0.53 12.61 -24.42
C LEU E 82 -2.04 12.71 -24.51
N THR E 83 -2.67 11.71 -25.12
CA THR E 83 -4.11 11.51 -25.01
C THR E 83 -4.33 10.03 -24.77
N PRO E 84 -5.50 9.64 -24.25
CA PRO E 84 -5.79 8.20 -24.11
C PRO E 84 -5.62 7.45 -25.40
N PHE E 85 -5.86 8.09 -26.54
CA PHE E 85 -5.79 7.38 -27.82
C PHE E 85 -4.37 7.29 -28.36
N THR E 86 -3.51 8.24 -28.03
CA THR E 86 -2.18 8.28 -28.64
C THR E 86 -1.07 7.88 -27.70
N ALA E 87 -1.36 7.63 -26.41
CA ALA E 87 -0.31 7.38 -25.44
C ALA E 87 0.53 6.16 -25.81
N ARG E 88 -0.12 5.07 -26.18
CA ARG E 88 0.63 3.84 -26.49
C ARG E 88 1.59 4.07 -27.66
N GLY E 89 1.13 4.72 -28.71
CA GLY E 89 1.97 4.94 -29.87
C GLY E 89 3.10 5.90 -29.61
N ARG E 90 2.85 6.93 -28.79
CA ARG E 90 3.89 7.91 -28.51
C ARG E 90 4.94 7.35 -27.57
N PHE E 91 4.54 6.49 -26.61
CA PHE E 91 5.53 5.78 -25.80
C PHE E 91 6.44 4.94 -26.68
N ALA E 92 5.84 4.15 -27.58
CA ALA E 92 6.62 3.26 -28.43
C ALA E 92 7.57 4.02 -29.35
N THR E 93 7.11 5.18 -29.86
CA THR E 93 7.94 5.95 -30.77
C THR E 93 9.13 6.57 -30.05
N VAL E 94 8.89 7.15 -28.89
CA VAL E 94 9.99 7.80 -28.16
C VAL E 94 11.01 6.76 -27.72
N VAL E 95 10.53 5.65 -27.14
CA VAL E 95 11.44 4.65 -26.61
C VAL E 95 12.28 4.02 -27.72
N GLU E 96 11.66 3.77 -28.88
CA GLU E 96 12.41 3.09 -29.93
C GLU E 96 13.48 4.00 -30.51
N GLU E 97 13.22 5.33 -30.57
CA GLU E 97 14.27 6.24 -31.01
C GLU E 97 15.36 6.36 -29.94
N LEU E 98 14.99 6.32 -28.66
CA LEU E 98 15.98 6.44 -27.60
C LEU E 98 17.03 5.33 -27.69
N PHE E 99 16.64 4.14 -28.11
CA PHE E 99 17.57 3.02 -28.15
C PHE E 99 17.95 2.59 -29.57
N ARG E 100 17.46 3.29 -30.61
CA ARG E 100 17.64 2.85 -31.99
C ARG E 100 19.10 2.58 -32.34
N ASP E 101 20.02 3.33 -31.74
CA ASP E 101 21.44 3.20 -32.04
C ASP E 101 22.25 2.79 -30.81
N GLY E 102 21.62 2.07 -29.88
CA GLY E 102 22.36 1.38 -28.84
C GLY E 102 21.78 1.61 -27.46
N VAL E 103 22.38 0.92 -26.50
CA VAL E 103 21.91 0.86 -25.12
C VAL E 103 23.08 1.21 -24.21
N ASN E 104 22.79 1.90 -23.11
CA ASN E 104 23.74 2.01 -22.01
C ASN E 104 22.92 2.34 -20.78
N TRP E 105 23.55 2.28 -19.61
CA TRP E 105 22.77 2.48 -18.39
C TRP E 105 22.17 3.88 -18.34
N GLY E 106 22.88 4.86 -18.88
CA GLY E 106 22.34 6.22 -18.92
C GLY E 106 21.04 6.29 -19.69
N ARG E 107 20.99 5.65 -20.85
CA ARG E 107 19.76 5.67 -21.63
C ARG E 107 18.65 4.87 -20.97
N ILE E 108 19.00 3.84 -20.19
CA ILE E 108 17.99 3.11 -19.43
C ILE E 108 17.43 3.97 -18.30
N VAL E 109 18.29 4.73 -17.62
CA VAL E 109 17.78 5.69 -16.65
C VAL E 109 16.87 6.71 -17.31
N ALA E 110 17.25 7.18 -18.51
CA ALA E 110 16.39 8.09 -19.26
C ALA E 110 15.02 7.47 -19.55
N PHE E 111 15.02 6.18 -19.88
CA PHE E 111 13.78 5.47 -20.21
C PHE E 111 12.87 5.37 -18.99
N PHE E 112 13.44 5.16 -17.80
CA PHE E 112 12.66 5.16 -16.58
C PHE E 112 12.08 6.53 -16.24
N GLU E 113 12.88 7.58 -16.42
CA GLU E 113 12.34 8.92 -16.12
C GLU E 113 11.25 9.31 -17.10
N PHE E 114 11.42 8.94 -18.38
CA PHE E 114 10.38 9.21 -19.37
C PHE E 114 9.08 8.53 -18.97
N GLY E 115 9.14 7.27 -18.57
CA GLY E 115 7.94 6.57 -18.15
C GLY E 115 7.37 7.15 -16.88
N GLY E 116 8.23 7.42 -15.90
CA GLY E 116 7.79 8.05 -14.67
C GLY E 116 7.08 9.36 -14.90
N VAL E 117 7.63 10.21 -15.78
CA VAL E 117 7.00 11.49 -16.08
C VAL E 117 5.68 11.29 -16.81
N MET E 118 5.62 10.32 -17.71
CA MET E 118 4.37 10.04 -18.38
C MET E 118 3.29 9.64 -17.38
N CYS E 119 3.67 8.88 -16.34
CA CYS E 119 2.71 8.51 -15.30
C CYS E 119 2.27 9.71 -14.50
N VAL E 120 3.21 10.54 -14.05
CA VAL E 120 2.86 11.75 -13.33
C VAL E 120 1.94 12.63 -14.18
N GLU E 121 2.29 12.86 -15.44
CA GLU E 121 1.43 13.73 -16.24
C GLU E 121 0.07 13.10 -16.51
N SER E 122 0.01 11.76 -16.58
CA SER E 122 -1.28 11.09 -16.76
C SER E 122 -2.25 11.45 -15.64
N VAL E 123 -1.78 11.43 -14.39
CA VAL E 123 -2.62 11.77 -13.26
C VAL E 123 -2.93 13.27 -13.24
N ASN E 124 -1.90 14.09 -13.48
CA ASN E 124 -2.09 15.54 -13.48
C ASN E 124 -3.10 15.98 -14.53
N ARG E 125 -3.17 15.29 -15.67
CA ARG E 125 -4.05 15.68 -16.76
C ARG E 125 -5.36 14.88 -16.78
N GLU E 126 -5.74 14.30 -15.65
CA GLU E 126 -7.03 13.61 -15.52
C GLU E 126 -7.13 12.42 -16.46
N MET E 127 -6.02 11.70 -16.63
CA MET E 127 -5.93 10.49 -17.45
C MET E 127 -5.29 9.35 -16.65
N SER E 128 -5.54 9.32 -15.34
N SER E 128 -5.52 9.35 -15.33
CA SER E 128 -4.92 8.34 -14.43
CA SER E 128 -4.91 8.35 -14.45
C SER E 128 -4.97 6.89 -14.90
C SER E 128 -4.96 6.91 -14.95
N PRO E 129 -6.01 6.43 -15.63
CA PRO E 129 -5.99 5.03 -16.13
C PRO E 129 -4.79 4.69 -17.01
N LEU E 130 -4.08 5.68 -17.57
CA LEU E 130 -2.90 5.36 -18.37
C LEU E 130 -1.78 4.78 -17.52
N VAL E 131 -1.76 5.08 -16.21
CA VAL E 131 -0.60 4.69 -15.38
C VAL E 131 -0.41 3.19 -15.41
N ASP E 132 -1.49 2.43 -15.16
CA ASP E 132 -1.41 0.98 -15.23
C ASP E 132 -0.87 0.53 -16.58
N ASN E 133 -1.18 1.26 -17.64
CA ASN E 133 -0.77 0.82 -18.96
C ASN E 133 0.67 1.21 -19.26
N ILE E 134 1.07 2.42 -18.85
CA ILE E 134 2.47 2.82 -18.99
C ILE E 134 3.37 1.80 -18.28
N ALA E 135 2.98 1.36 -17.07
CA ALA E 135 3.76 0.38 -16.34
C ALA E 135 3.88 -0.93 -17.10
N LEU E 136 2.78 -1.36 -17.73
CA LEU E 136 2.83 -2.52 -18.61
C LEU E 136 3.84 -2.32 -19.73
N TRP E 137 3.75 -1.20 -20.46
CA TRP E 137 4.60 -0.99 -21.61
C TRP E 137 6.07 -0.94 -21.22
N MET E 138 6.38 -0.31 -20.09
CA MET E 138 7.77 -0.31 -19.60
C MET E 138 8.22 -1.71 -19.26
N THR E 139 7.35 -2.51 -18.61
CA THR E 139 7.75 -3.88 -18.25
C THR E 139 7.96 -4.73 -19.50
N GLU E 140 7.07 -4.62 -20.49
CA GLU E 140 7.24 -5.41 -21.71
C GLU E 140 8.50 -5.01 -22.47
N TYR E 141 8.82 -3.71 -22.51
CA TYR E 141 10.06 -3.32 -23.20
C TYR E 141 11.28 -3.82 -22.47
N LEU E 142 11.27 -3.72 -21.14
CA LEU E 142 12.40 -4.21 -20.35
C LEU E 142 12.58 -5.71 -20.52
N ASN E 143 11.47 -6.47 -20.56
CA ASN E 143 11.56 -7.92 -20.62
C ASN E 143 11.76 -8.45 -22.04
N ARG E 144 11.26 -7.74 -23.06
CA ARG E 144 11.40 -8.21 -24.43
C ARG E 144 12.52 -7.54 -25.23
N HIS E 145 13.04 -6.39 -24.78
CA HIS E 145 13.94 -5.65 -25.67
C HIS E 145 15.23 -5.24 -24.99
N LEU E 146 15.22 -5.00 -23.69
CA LEU E 146 16.44 -4.63 -22.99
C LEU E 146 17.03 -5.77 -22.18
N HIS E 147 16.31 -6.89 -22.08
CA HIS E 147 16.72 -7.95 -21.18
C HIS E 147 18.06 -8.53 -21.58
N THR E 148 18.30 -8.68 -22.89
CA THR E 148 19.57 -9.23 -23.35
C THR E 148 20.75 -8.33 -22.98
N TRP E 149 20.63 -7.03 -23.28
CA TRP E 149 21.74 -6.12 -22.98
C TRP E 149 22.02 -6.07 -21.49
N ILE E 150 20.96 -6.09 -20.67
CA ILE E 150 21.14 -5.97 -19.23
C ILE E 150 21.90 -7.17 -18.68
N GLN E 151 21.50 -8.36 -19.11
CA GLN E 151 22.22 -9.57 -18.71
C GLN E 151 23.64 -9.57 -19.26
N ASP E 152 23.79 -9.28 -20.56
CA ASP E 152 25.11 -9.30 -21.17
C ASP E 152 26.07 -8.29 -20.56
N ASN E 153 25.57 -7.33 -19.79
CA ASN E 153 26.42 -6.29 -19.21
C ASN E 153 26.44 -6.37 -17.70
N GLY E 154 26.21 -7.56 -17.15
CA GLY E 154 26.33 -7.77 -15.72
C GLY E 154 25.04 -7.65 -14.94
N GLY E 155 23.91 -7.48 -15.62
CA GLY E 155 22.65 -7.38 -14.91
C GLY E 155 22.52 -6.11 -14.08
N TRP E 156 21.46 -6.09 -13.28
CA TRP E 156 21.18 -4.94 -12.44
C TRP E 156 22.25 -4.71 -11.39
N ASP E 157 23.01 -5.75 -11.03
CA ASP E 157 24.06 -5.56 -10.04
C ASP E 157 25.17 -4.68 -10.60
N ALA E 158 25.51 -4.85 -11.88
CA ALA E 158 26.47 -3.95 -12.52
C ALA E 158 25.98 -2.51 -12.49
N PHE E 159 24.65 -2.29 -12.61
CA PHE E 159 24.12 -0.93 -12.57
C PHE E 159 24.34 -0.31 -11.20
N VAL E 160 24.07 -1.06 -10.12
CA VAL E 160 24.28 -0.55 -8.77
C VAL E 160 25.75 -0.26 -8.52
N GLU E 161 26.64 -1.03 -9.14
CA GLU E 161 28.08 -0.81 -8.96
C GLU E 161 28.60 0.38 -9.77
N LEU E 162 27.77 1.01 -10.59
CA LEU E 162 28.18 2.22 -11.30
C LEU E 162 27.47 3.46 -10.80
N TYR E 163 26.28 3.32 -10.19
CA TYR E 163 25.45 4.45 -9.81
C TYR E 163 25.12 4.51 -8.33
N GLY E 164 25.64 3.58 -7.53
CA GLY E 164 25.45 3.62 -6.09
C GLY E 164 26.60 4.28 -5.35
N GLY F 3 8.51 14.69 -35.04
CA GLY F 3 9.05 16.02 -34.84
C GLY F 3 9.27 16.35 -33.38
N MET F 5 8.30 14.37 -30.86
CA MET F 5 8.75 13.12 -30.25
C MET F 5 10.23 12.85 -30.53
N GLU F 6 10.67 13.09 -31.77
CA GLU F 6 12.09 13.01 -32.06
C GLU F 6 12.86 14.04 -31.23
N ASN F 7 12.29 15.23 -31.05
CA ASN F 7 12.91 16.23 -30.19
C ASN F 7 13.08 15.71 -28.77
N LEU F 8 12.00 15.12 -28.22
CA LEU F 8 12.04 14.59 -26.87
C LEU F 8 13.06 13.46 -26.74
N SER F 9 13.01 12.48 -27.66
CA SER F 9 13.95 11.37 -27.58
C SER F 9 15.40 11.83 -27.73
N ARG F 10 15.64 12.83 -28.60
CA ARG F 10 16.98 13.42 -28.71
C ARG F 10 17.46 13.92 -27.37
N ARG F 11 16.60 14.65 -26.63
CA ARG F 11 16.96 15.17 -25.31
C ARG F 11 17.19 14.04 -24.30
N LEU F 12 16.29 13.05 -24.26
CA LEU F 12 16.52 11.87 -23.42
C LEU F 12 17.87 11.26 -23.74
N LYS F 13 18.10 11.01 -25.02
CA LYS F 13 19.29 10.26 -25.44
C LYS F 13 20.58 11.00 -25.07
N VAL F 14 20.61 12.32 -25.26
N VAL F 14 20.61 12.32 -25.27
CA VAL F 14 21.82 13.07 -24.98
CA VAL F 14 21.85 13.04 -24.97
C VAL F 14 22.03 13.19 -23.48
C VAL F 14 22.04 13.22 -23.48
N THR F 15 20.95 13.34 -22.71
CA THR F 15 21.11 13.42 -21.26
C THR F 15 21.55 12.07 -20.71
N GLY F 16 21.03 10.97 -21.29
N GLY F 16 21.03 10.97 -21.29
CA GLY F 16 21.44 9.65 -20.84
CA GLY F 16 21.44 9.65 -20.84
C GLY F 16 22.89 9.35 -21.18
C GLY F 16 22.89 9.35 -21.18
N ASP F 17 23.32 9.73 -22.39
CA ASP F 17 24.73 9.52 -22.78
C ASP F 17 25.67 10.36 -21.93
N LEU F 18 25.30 11.60 -21.61
CA LEU F 18 26.09 12.38 -20.67
C LEU F 18 26.16 11.70 -19.31
N PHE F 19 25.01 11.23 -18.83
CA PHE F 19 24.94 10.49 -17.57
C PHE F 19 25.81 9.25 -17.61
N ASP F 20 25.87 8.58 -18.76
N ASP F 20 25.87 8.59 -18.76
CA ASP F 20 26.69 7.39 -18.88
CA ASP F 20 26.69 7.39 -18.89
C ASP F 20 28.18 7.72 -18.82
C ASP F 20 28.18 7.71 -18.84
N ILE F 21 28.59 8.87 -19.38
CA ILE F 21 30.00 9.24 -19.35
C ILE F 21 30.45 9.53 -17.91
N MET F 22 29.62 10.24 -17.15
CA MET F 22 30.02 10.60 -15.80
C MET F 22 29.95 9.44 -14.81
N SER F 23 29.32 8.33 -15.19
CA SER F 23 29.31 7.15 -14.33
C SER F 23 30.67 6.44 -14.31
N GLY F 24 31.53 6.74 -15.28
CA GLY F 24 32.90 6.27 -15.29
C GLY F 24 33.86 7.31 -14.75
N GLN F 25 33.61 7.77 -13.53
CA GLN F 25 34.42 8.79 -12.88
C GLN F 25 34.05 8.90 -11.41
N TYR G 11 12.10 -1.46 17.11
CA TYR G 11 11.11 -0.54 17.68
C TYR G 11 11.78 0.54 18.53
N ASP G 12 13.11 0.53 18.62
CA ASP G 12 13.76 1.53 19.47
C ASP G 12 13.86 2.87 18.79
N ASN G 13 14.02 2.89 17.46
CA ASN G 13 13.95 4.15 16.71
C ASN G 13 12.65 4.89 17.01
N ARG G 14 11.52 4.15 16.98
CA ARG G 14 10.23 4.74 17.31
C ARG G 14 10.25 5.42 18.67
N GLU G 15 10.88 4.78 19.66
CA GLU G 15 10.91 5.38 21.00
C GLU G 15 11.78 6.63 21.03
N ILE G 16 12.90 6.63 20.28
CA ILE G 16 13.75 7.83 20.20
C ILE G 16 12.96 9.00 19.61
N VAL G 17 12.28 8.76 18.49
CA VAL G 17 11.44 9.79 17.87
C VAL G 17 10.38 10.28 18.85
N MET G 18 9.65 9.34 19.47
CA MET G 18 8.53 9.71 20.32
C MET G 18 8.98 10.55 21.51
N LYS G 19 10.04 10.13 22.19
CA LYS G 19 10.52 10.89 23.34
C LYS G 19 11.09 12.25 22.91
N TYR G 20 11.76 12.31 21.77
CA TYR G 20 12.27 13.60 21.31
C TYR G 20 11.11 14.56 21.03
N ILE G 21 10.15 14.14 20.19
CA ILE G 21 9.00 14.99 19.90
C ILE G 21 8.25 15.36 21.18
N HIS G 22 8.12 14.41 22.09
CA HIS G 22 7.37 14.67 23.32
C HIS G 22 8.01 15.79 24.13
N TYR G 23 9.34 15.81 24.17
CA TYR G 23 10.08 16.86 24.86
C TYR G 23 9.96 18.21 24.14
N LYS G 24 10.13 18.22 22.82
CA LYS G 24 9.94 19.48 22.07
C LYS G 24 8.56 20.06 22.34
N LEU G 25 7.52 19.22 22.33
CA LEU G 25 6.17 19.71 22.58
C LEU G 25 6.04 20.31 23.97
N SER G 26 6.62 19.64 24.97
CA SER G 26 6.51 20.11 26.34
C SER G 26 7.25 21.42 26.58
N GLN G 27 8.29 21.69 25.78
CA GLN G 27 9.00 22.97 25.86
C GLN G 27 8.06 24.13 25.60
N ARG G 28 7.17 23.98 24.63
CA ARG G 28 6.18 24.99 24.34
C ARG G 28 4.90 24.80 25.14
N GLY G 29 4.92 23.95 26.16
CA GLY G 29 3.77 23.78 27.02
C GLY G 29 2.68 22.92 26.43
N TYR G 30 2.99 22.07 25.47
CA TYR G 30 1.99 21.23 24.82
C TYR G 30 2.14 19.80 25.30
N GLU G 31 1.02 19.20 25.69
CA GLU G 31 0.96 17.79 26.07
C GLU G 31 0.59 16.93 24.86
N TRP G 32 1.13 15.72 24.84
CA TRP G 32 0.91 14.77 23.76
C TRP G 32 0.91 13.36 24.34
N ASP G 33 -0.02 12.53 23.89
CA ASP G 33 -0.15 11.15 24.39
C ASP G 33 0.65 10.20 23.49
N ASP G 34 1.85 9.84 23.94
CA ASP G 34 2.69 8.83 23.30
C ASP G 34 1.96 7.52 23.04
N GLU G 52 19.03 4.73 26.95
CA GLU G 52 18.29 5.69 27.77
C GLU G 52 19.10 6.96 27.98
N VAL G 53 20.42 6.81 27.97
CA VAL G 53 21.31 7.96 27.88
C VAL G 53 21.19 8.63 26.50
N VAL G 54 20.71 7.87 25.52
CA VAL G 54 20.56 8.38 24.16
C VAL G 54 19.60 9.57 24.13
N HIS G 55 18.47 9.46 24.84
CA HIS G 55 17.46 10.50 24.78
C HIS G 55 17.98 11.80 25.35
N LEU G 56 18.65 11.74 26.50
CA LEU G 56 19.13 12.98 27.12
C LEU G 56 20.29 13.58 26.33
N THR G 57 21.05 12.74 25.61
CA THR G 57 22.09 13.29 24.73
C THR G 57 21.45 13.95 23.51
N LEU G 58 20.43 13.31 22.93
CA LEU G 58 19.77 13.86 21.75
C LEU G 58 19.05 15.16 22.08
N ARG G 59 18.47 15.24 23.28
CA ARG G 59 17.82 16.48 23.71
C ARG G 59 18.83 17.61 23.82
N GLN G 60 19.96 17.36 24.47
CA GLN G 60 20.97 18.41 24.60
C GLN G 60 21.51 18.79 23.23
N ALA G 61 21.84 17.80 22.40
CA ALA G 61 22.30 18.09 21.06
C ALA G 61 21.29 18.94 20.31
N GLY G 62 19.99 18.65 20.48
CA GLY G 62 18.96 19.36 19.76
C GLY G 62 18.80 20.80 20.20
N ASP G 63 18.82 21.04 21.52
CA ASP G 63 18.76 22.42 22.02
C ASP G 63 20.00 23.20 21.62
N ASP G 64 21.16 22.54 21.56
CA ASP G 64 22.38 23.18 21.09
C ASP G 64 22.28 23.53 19.60
N PHE G 65 21.78 22.59 18.79
CA PHE G 65 21.49 22.89 17.39
C PHE G 65 20.56 24.08 17.27
N SER G 66 19.53 24.13 18.13
CA SER G 66 18.51 25.17 18.02
C SER G 66 19.12 26.55 18.29
N ARG G 67 20.01 26.66 19.27
CA ARG G 67 20.69 27.91 19.54
C ARG G 67 21.50 28.39 18.33
N ARG G 68 22.36 27.52 17.78
CA ARG G 68 23.16 27.88 16.63
C ARG G 68 22.29 28.31 15.46
N TYR G 69 21.23 27.54 15.20
CA TYR G 69 20.33 27.85 14.10
C TYR G 69 19.72 29.23 14.27
N ARG G 70 19.27 29.56 15.48
CA ARG G 70 18.61 30.84 15.74
C ARG G 70 19.58 32.01 15.64
N ARG G 71 20.86 31.81 15.98
CA ARG G 71 21.84 32.91 15.87
C ARG G 71 21.92 33.41 14.44
N ASP G 72 22.00 32.48 13.49
CA ASP G 72 22.23 32.80 12.09
C ASP G 72 20.95 33.05 11.32
N PHE G 73 19.89 32.31 11.62
CA PHE G 73 18.70 32.32 10.81
C PHE G 73 17.54 32.75 11.70
N ALA G 74 16.40 33.01 11.09
CA ALA G 74 15.23 33.34 11.90
C ALA G 74 14.80 32.11 12.72
N GLU G 75 13.74 32.29 13.50
CA GLU G 75 13.03 31.14 14.06
C GLU G 75 12.63 30.19 12.92
N MET G 76 13.00 28.91 13.05
CA MET G 76 12.62 27.95 12.02
C MET G 76 11.11 27.95 11.76
N SER G 77 10.31 28.25 12.78
CA SER G 77 8.86 28.34 12.60
C SER G 77 8.48 29.27 11.46
N SER G 78 9.22 30.38 11.30
CA SER G 78 8.89 31.37 10.28
C SER G 78 8.98 30.78 8.88
N GLN G 79 9.95 29.89 8.66
CA GLN G 79 10.19 29.35 7.34
C GLN G 79 9.39 28.08 7.08
N LEU G 80 8.50 27.70 8.00
CA LEU G 80 7.79 26.43 7.91
C LEU G 80 6.41 26.68 7.30
N HIS G 81 6.14 26.04 6.18
CA HIS G 81 4.82 26.02 5.58
C HIS G 81 4.30 24.59 5.59
N LEU G 82 3.07 24.41 6.09
CA LEU G 82 2.48 23.08 6.16
C LEU G 82 0.97 23.20 6.30
N THR G 83 0.26 22.30 5.65
CA THR G 83 -1.18 22.08 5.82
C THR G 83 -1.39 20.59 5.95
N PRO G 84 -2.61 20.16 6.33
CA PRO G 84 -2.86 18.73 6.41
C PRO G 84 -2.62 17.99 5.10
N PHE G 85 -2.83 18.62 3.95
CA PHE G 85 -2.63 17.92 2.68
C PHE G 85 -1.19 17.98 2.18
N THR G 86 -0.39 18.95 2.60
CA THR G 86 0.96 19.12 2.05
C THR G 86 2.06 18.67 3.00
N ALA G 87 1.74 18.46 4.28
CA ALA G 87 2.77 18.20 5.29
C ALA G 87 3.66 17.01 4.91
N ARG G 88 3.07 15.89 4.47
CA ARG G 88 3.89 14.72 4.13
C ARG G 88 4.88 15.03 3.02
N GLY G 89 4.40 15.67 1.95
CA GLY G 89 5.29 16.01 0.86
C GLY G 89 6.40 16.94 1.27
N ARG G 90 6.07 17.91 2.13
CA ARG G 90 7.08 18.88 2.54
C ARG G 90 8.10 18.25 3.48
N PHE G 91 7.65 17.38 4.39
CA PHE G 91 8.59 16.66 5.23
C PHE G 91 9.59 15.87 4.37
N ALA G 92 9.06 15.09 3.42
CA ALA G 92 9.89 14.23 2.58
C ALA G 92 10.85 15.06 1.73
N THR G 93 10.37 16.18 1.19
CA THR G 93 11.22 17.03 0.36
C THR G 93 12.42 17.51 1.15
N VAL G 94 12.15 18.14 2.31
CA VAL G 94 13.23 18.70 3.13
C VAL G 94 14.23 17.61 3.50
N VAL G 95 13.72 16.46 3.97
CA VAL G 95 14.59 15.39 4.45
C VAL G 95 15.43 14.78 3.30
N GLU G 96 14.84 14.63 2.11
CA GLU G 96 15.63 14.13 0.99
C GLU G 96 16.77 15.09 0.67
N GLU G 97 16.48 16.39 0.67
CA GLU G 97 17.52 17.38 0.40
C GLU G 97 18.58 17.39 1.49
N LEU G 98 18.16 17.20 2.75
CA LEU G 98 19.12 17.24 3.86
C LEU G 98 20.16 16.14 3.76
N PHE G 99 19.78 14.96 3.25
CA PHE G 99 20.67 13.80 3.21
C PHE G 99 21.11 13.39 1.81
N ARG G 100 20.73 14.14 0.76
CA ARG G 100 20.98 13.72 -0.61
C ARG G 100 22.47 13.54 -0.91
N ASP G 101 23.34 14.34 -0.28
CA ASP G 101 24.78 14.20 -0.46
C ASP G 101 25.46 13.66 0.79
N GLY G 102 24.76 12.87 1.58
CA GLY G 102 25.39 12.09 2.63
C GLY G 102 24.78 12.36 3.99
N VAL G 103 25.30 11.61 4.97
CA VAL G 103 24.81 11.59 6.33
C VAL G 103 25.95 11.90 7.27
N ASN G 104 25.62 12.57 8.37
CA ASN G 104 26.52 12.67 9.52
C ASN G 104 25.64 13.01 10.71
N TRP G 105 26.22 12.93 11.90
CA TRP G 105 25.40 13.11 13.10
C TRP G 105 24.83 14.52 13.19
N GLY G 106 25.52 15.51 12.64
CA GLY G 106 24.98 16.87 12.65
C GLY G 106 23.68 16.96 11.88
N ARG G 107 23.64 16.35 10.69
CA ARG G 107 22.43 16.31 9.88
C ARG G 107 21.35 15.47 10.53
N ILE G 108 21.73 14.46 11.32
CA ILE G 108 20.72 13.68 12.04
C ILE G 108 20.09 14.52 13.14
N VAL G 109 20.90 15.31 13.86
CA VAL G 109 20.36 16.24 14.84
C VAL G 109 19.44 17.25 14.14
N ALA G 110 19.90 17.81 13.01
CA ALA G 110 19.04 18.71 12.23
C ALA G 110 17.72 18.03 11.87
N PHE G 111 17.80 16.76 11.46
CA PHE G 111 16.60 15.97 11.14
C PHE G 111 15.63 15.93 12.31
N PHE G 112 16.14 15.61 13.51
CA PHE G 112 15.27 15.57 14.68
C PHE G 112 14.70 16.95 15.01
N GLU G 113 15.52 18.01 14.88
CA GLU G 113 15.03 19.36 15.18
C GLU G 113 13.93 19.77 14.22
N PHE G 114 14.11 19.48 12.94
CA PHE G 114 13.11 19.82 11.93
C PHE G 114 11.80 19.09 12.21
N GLY G 115 11.88 17.78 12.46
CA GLY G 115 10.66 17.06 12.85
C GLY G 115 10.01 17.65 14.09
N GLY G 116 10.81 17.99 15.09
CA GLY G 116 10.25 18.52 16.33
C GLY G 116 9.53 19.83 16.12
N VAL G 117 10.14 20.74 15.33
CA VAL G 117 9.51 22.04 15.08
C VAL G 117 8.24 21.86 14.27
N MET G 118 8.28 20.98 13.28
CA MET G 118 7.09 20.62 12.53
C MET G 118 5.95 20.20 13.46
N CYS G 119 6.27 19.40 14.49
CA CYS G 119 5.25 19.00 15.46
C CYS G 119 4.77 20.18 16.29
N VAL G 120 5.71 20.96 16.83
CA VAL G 120 5.33 22.16 17.58
C VAL G 120 4.45 23.08 16.74
N GLU G 121 4.85 23.32 15.48
CA GLU G 121 4.04 24.22 14.68
C GLU G 121 2.67 23.61 14.33
N SER G 122 2.61 22.27 14.19
CA SER G 122 1.34 21.60 13.97
C SER G 122 0.34 21.93 15.07
N VAL G 123 0.78 21.90 16.34
CA VAL G 123 -0.10 22.23 17.45
C VAL G 123 -0.41 23.72 17.45
N ASN G 124 0.62 24.55 17.30
CA ASN G 124 0.41 25.99 17.31
C ASN G 124 -0.55 26.43 16.21
N ARG G 125 -0.53 25.78 15.05
CA ARG G 125 -1.38 26.16 13.94
C ARG G 125 -2.68 25.37 13.89
N GLU G 126 -3.11 24.83 15.04
CA GLU G 126 -4.39 24.12 15.16
C GLU G 126 -4.48 22.97 14.19
N MET G 127 -3.37 22.25 14.00
CA MET G 127 -3.30 21.06 13.16
C MET G 127 -2.74 19.88 13.94
N SER G 128 -2.97 19.84 15.26
CA SER G 128 -2.54 18.81 16.21
C SER G 128 -2.50 17.36 15.68
N PRO G 129 -3.50 16.88 14.95
CA PRO G 129 -3.44 15.47 14.50
C PRO G 129 -2.21 15.14 13.65
N LEU G 130 -1.56 16.13 13.02
CA LEU G 130 -0.35 15.84 12.24
C LEU G 130 0.78 15.27 13.09
N VAL G 131 0.81 15.58 14.40
CA VAL G 131 1.93 15.12 15.23
C VAL G 131 2.09 13.60 15.13
N ASP G 132 1.00 12.85 15.33
CA ASP G 132 1.10 11.40 15.24
C ASP G 132 1.64 10.97 13.89
N ASN G 133 1.34 11.73 12.84
CA ASN G 133 1.82 11.34 11.54
C ASN G 133 3.29 11.70 11.33
N ILE G 134 3.71 12.90 11.77
CA ILE G 134 5.14 13.27 11.64
C ILE G 134 6.01 12.31 12.43
N ALA G 135 5.54 11.88 13.61
CA ALA G 135 6.30 10.89 14.37
C ALA G 135 6.46 9.60 13.58
N LEU G 136 5.44 9.25 12.80
CA LEU G 136 5.49 8.04 11.98
C LEU G 136 6.45 8.21 10.81
N TRP G 137 6.40 9.36 10.11
CA TRP G 137 7.34 9.62 9.03
C TRP G 137 8.78 9.60 9.53
N MET G 138 9.01 10.14 10.73
CA MET G 138 10.36 10.18 11.24
C MET G 138 10.86 8.79 11.56
N THR G 139 9.96 7.94 12.07
CA THR G 139 10.31 6.56 12.40
C THR G 139 10.63 5.76 11.14
N GLU G 140 9.74 5.81 10.14
CA GLU G 140 10.00 5.11 8.89
C GLU G 140 11.30 5.57 8.23
N TYR G 141 11.62 6.87 8.30
CA TYR G 141 12.87 7.33 7.68
C TYR G 141 14.09 6.77 8.43
N LEU G 142 14.06 6.77 9.77
CA LEU G 142 15.15 6.17 10.52
C LEU G 142 15.28 4.69 10.19
N ASN G 143 14.17 3.95 10.26
CA ASN G 143 14.19 2.50 10.08
C ASN G 143 14.55 2.10 8.64
N ARG G 144 14.14 2.89 7.64
CA ARG G 144 14.30 2.47 6.26
C ARG G 144 15.40 3.17 5.48
N HIS G 145 15.91 4.32 5.95
CA HIS G 145 16.86 5.08 5.14
C HIS G 145 18.11 5.53 5.87
N LEU G 146 18.09 5.66 7.19
CA LEU G 146 19.26 6.02 7.97
C LEU G 146 19.84 4.84 8.74
N HIS G 147 19.10 3.74 8.83
CA HIS G 147 19.53 2.64 9.70
C HIS G 147 20.88 2.10 9.26
N THR G 148 21.05 1.88 7.96
CA THR G 148 22.31 1.35 7.44
C THR G 148 23.48 2.23 7.85
N TRP G 149 23.36 3.55 7.65
CA TRP G 149 24.45 4.45 8.02
C TRP G 149 24.71 4.42 9.52
N ILE G 150 23.65 4.46 10.33
CA ILE G 150 23.81 4.60 11.78
C ILE G 150 24.54 3.39 12.36
N GLN G 151 24.25 2.21 11.83
CA GLN G 151 24.96 1.02 12.28
C GLN G 151 26.38 0.99 11.74
N ASP G 152 26.57 1.36 10.47
CA ASP G 152 27.89 1.41 9.87
C ASP G 152 28.81 2.44 10.52
N ASN G 153 28.29 3.20 11.50
CA ASN G 153 29.05 4.27 12.13
C ASN G 153 29.03 4.17 13.64
N GLY G 154 28.67 3.01 14.18
CA GLY G 154 28.75 2.74 15.60
C GLY G 154 27.42 2.71 16.35
N GLY G 155 26.28 2.74 15.66
CA GLY G 155 24.99 2.82 16.34
C GLY G 155 24.84 4.09 17.15
N TRP G 156 23.76 4.13 17.95
CA TRP G 156 23.49 5.30 18.76
C TRP G 156 24.54 5.51 19.85
N ASP G 157 25.28 4.47 20.23
CA ASP G 157 26.29 4.67 21.27
C ASP G 157 27.45 5.53 20.77
N ALA G 158 27.81 5.39 19.50
CA ALA G 158 28.81 6.28 18.92
C ALA G 158 28.37 7.74 19.02
N PHE G 159 27.08 8.03 18.83
CA PHE G 159 26.59 9.40 18.94
C PHE G 159 26.73 9.92 20.36
N VAL G 160 26.42 9.08 21.36
CA VAL G 160 26.47 9.53 22.74
C VAL G 160 27.92 9.82 23.16
N GLU G 161 28.88 9.09 22.62
CA GLU G 161 30.28 9.42 22.87
C GLU G 161 30.60 10.82 22.36
N LEU G 162 30.25 11.09 21.10
CA LEU G 162 30.62 12.35 20.46
C LEU G 162 30.02 13.56 21.20
N TYR G 163 28.71 13.52 21.46
CA TYR G 163 28.02 14.69 21.99
C TYR G 163 27.76 14.63 23.49
N GLY G 164 28.15 13.55 24.15
CA GLY G 164 27.99 13.44 25.59
C GLY G 164 28.78 14.48 26.35
N PRO G 165 30.10 14.52 26.14
N MET H 5 11.38 25.37 0.41
CA MET H 5 11.82 24.12 1.05
C MET H 5 13.31 23.89 0.85
N GLU H 6 13.81 24.28 -0.33
CA GLU H 6 15.24 24.28 -0.57
C GLU H 6 15.95 25.16 0.46
N ASN H 7 15.40 26.35 0.70
CA ASN H 7 16.01 27.26 1.66
C ASN H 7 16.11 26.63 3.05
N LEU H 8 15.04 25.99 3.50
CA LEU H 8 15.06 25.41 4.85
C LEU H 8 16.10 24.29 4.95
N SER H 9 16.17 23.42 3.95
CA SER H 9 17.10 22.30 4.06
C SER H 9 18.54 22.73 3.91
N ARG H 10 18.81 23.74 3.08
CA ARG H 10 20.13 24.35 3.08
C ARG H 10 20.48 24.86 4.47
N ARG H 11 19.55 25.55 5.12
CA ARG H 11 19.82 26.05 6.46
C ARG H 11 20.05 24.90 7.44
N LEU H 12 19.19 23.87 7.41
CA LEU H 12 19.39 22.70 8.27
C LEU H 12 20.72 22.03 7.98
N LYS H 13 21.03 21.84 6.69
CA LYS H 13 22.26 21.17 6.30
C LYS H 13 23.50 21.91 6.80
N VAL H 14 23.54 23.24 6.66
CA VAL H 14 24.79 23.92 7.04
C VAL H 14 24.92 24.00 8.54
N THR H 15 23.80 24.12 9.27
CA THR H 15 23.89 24.12 10.71
C THR H 15 24.31 22.75 11.22
N GLY H 16 23.83 21.69 10.60
N GLY H 16 23.83 21.69 10.60
CA GLY H 16 24.25 20.35 10.99
CA GLY H 16 24.25 20.35 10.99
C GLY H 16 25.71 20.08 10.66
C GLY H 16 25.71 20.08 10.66
N ASP H 17 26.15 20.49 9.46
CA ASP H 17 27.56 20.33 9.11
C ASP H 17 28.46 21.11 10.05
N LEU H 18 28.06 22.34 10.38
CA LEU H 18 28.77 23.12 11.38
C LEU H 18 28.87 22.34 12.70
N PHE H 19 27.72 21.93 13.26
CA PHE H 19 27.76 21.20 14.51
C PHE H 19 28.57 19.90 14.40
N ASP H 20 28.52 19.24 13.23
CA ASP H 20 29.37 18.07 13.03
C ASP H 20 30.85 18.41 13.11
N ILE H 21 31.28 19.56 12.54
CA ILE H 21 32.68 19.97 12.61
C ILE H 21 33.13 20.11 14.06
N MET H 22 32.32 20.78 14.88
CA MET H 22 32.77 21.18 16.21
C MET H 22 32.69 20.06 17.23
N SER H 23 31.90 19.00 16.96
CA SER H 23 31.93 17.84 17.84
C SER H 23 33.28 17.15 17.81
N GLY H 24 34.08 17.35 16.76
CA GLY H 24 35.45 16.87 16.70
C GLY H 24 36.41 17.78 17.47
#